data_6WBZ
#
_entry.id   6WBZ
#
_cell.length_a   92.390
_cell.length_b   99.170
_cell.length_c   139.600
_cell.angle_alpha   90.000
_cell.angle_beta   90.000
_cell.angle_gamma   90.000
#
_symmetry.space_group_name_H-M   'P 21 21 21'
#
loop_
_entity.id
_entity.type
_entity.pdbx_description
1 polymer 'Histone deacetylase 2'
2 non-polymer 'ZINC ION'
3 non-polymer 'SULFATE ION'
4 non-polymer 'CALCIUM ION'
5 non-polymer DI(HYDROXYETHYL)ETHER
6 non-polymer (1S)-N-{(1S)-7,7-dihydroxy-1-[5-(2-methoxyquinolin-3-yl)-1H-imidazol-2-yl]nonyl}-6-ethyl-6-azaspiro[2.5]octane-1-carboxamide
7 water water
#
_entity_poly.entity_id   1
_entity_poly.type   'polypeptide(L)'
_entity_poly.pdbx_seq_one_letter_code
;MAYSQGGGKKKVCYYYDGDIGNYYYGQGHPMKPHRIRMTHNLLLNYGLYRKMEIYRPHKATAEEMTKYHSDEYIKFLRSI
RPDNMSEYSKQMQRFNVGEDCPVFDGLFEFCQLSTGGSVAGAVKLNRQQTDMAVNWAGGLHHAKKSEASGFCYVNDIVLA
ILELLKYHQRVLYIDIDIHHGDGVEEAFYTTDRVMTVSFHKYGEYFPGTGDLRDIGAGKGKYYAVNFPMRDGIDDESYGQ
IFKPIISKVMEMYQPSAVVLQCGADSLSGDRLGCFNLTVKGHAKCVEVVKTFNLPLLMLGGGGYTIRNVARCWTYETAVA
LDCEIPNELPYNDYFEYFGPDFKLHISPSNMTNQNTPEYMEKIKQRLFENLRMLPH
;
_entity_poly.pdbx_strand_id   A,B,C
#
loop_
_chem_comp.id
_chem_comp.type
_chem_comp.name
_chem_comp.formula
CA non-polymer 'CALCIUM ION' 'Ca 2'
PEG non-polymer DI(HYDROXYETHYL)ETHER 'C4 H10 O3'
SO4 non-polymer 'SULFATE ION' 'O4 S -2'
TV7 non-polymer (1S)-N-{(1S)-7,7-dihydroxy-1-[5-(2-methoxyquinolin-3-yl)-1H-imidazol-2-yl]nonyl}-6-ethyl-6-azaspiro[2.5]octane-1-carboxamide 'C32 H45 N5 O4'
ZN non-polymer 'ZINC ION' 'Zn 2'
#
# COMPACT_ATOMS: atom_id res chain seq x y z
N GLY A 8 20.72 -18.66 -26.71
CA GLY A 8 22.03 -18.19 -27.17
C GLY A 8 21.96 -16.83 -27.83
N LYS A 9 23.01 -16.48 -28.60
CA LYS A 9 23.12 -15.19 -29.31
C LYS A 9 22.16 -15.17 -30.50
N LYS A 10 21.52 -14.03 -30.75
CA LYS A 10 20.48 -13.92 -31.76
C LYS A 10 20.78 -13.04 -32.96
N LYS A 11 20.02 -13.24 -34.04
CA LYS A 11 20.17 -12.42 -35.22
C LYS A 11 19.37 -11.13 -34.90
N VAL A 12 20.01 -9.98 -35.12
CA VAL A 12 19.41 -8.65 -34.88
C VAL A 12 19.39 -7.89 -36.17
N CYS A 13 18.22 -7.39 -36.55
CA CYS A 13 18.04 -6.54 -37.72
C CYS A 13 17.71 -5.15 -37.20
N TYR A 14 18.33 -4.15 -37.78
CA TYR A 14 18.20 -2.77 -37.30
C TYR A 14 17.77 -1.88 -38.45
N TYR A 15 16.78 -1.01 -38.21
CA TYR A 15 16.18 -0.17 -39.21
C TYR A 15 16.51 1.26 -38.98
N TYR A 16 17.05 1.95 -39.98
CA TYR A 16 17.46 3.34 -39.83
C TYR A 16 17.51 4.03 -41.17
N ASP A 17 17.02 5.26 -41.21
CA ASP A 17 17.11 6.09 -42.41
C ASP A 17 17.97 7.29 -42.03
N GLY A 18 19.07 7.53 -42.76
CA GLY A 18 19.98 8.65 -42.51
C GLY A 18 19.35 10.03 -42.58
N ASP A 19 18.13 10.15 -43.13
CA ASP A 19 17.45 11.44 -43.19
C ASP A 19 16.67 11.73 -41.92
N ILE A 20 16.45 10.70 -41.07
CA ILE A 20 15.59 10.88 -39.91
C ILE A 20 16.00 12.01 -38.97
N GLY A 21 17.31 12.19 -38.80
CA GLY A 21 17.82 13.23 -37.91
C GLY A 21 17.59 14.65 -38.34
N ASN A 22 17.16 14.85 -39.61
CA ASN A 22 16.94 16.20 -40.14
C ASN A 22 15.53 16.75 -39.90
N TYR A 23 14.58 15.91 -39.48
CA TYR A 23 13.20 16.37 -39.22
C TYR A 23 13.23 17.20 -37.93
N TYR A 24 12.59 18.38 -37.93
CA TYR A 24 12.67 19.31 -36.83
C TYR A 24 11.29 19.75 -36.41
N TYR A 25 10.95 19.51 -35.13
CA TYR A 25 9.64 19.87 -34.63
C TYR A 25 9.50 21.38 -34.39
N GLY A 26 10.61 22.14 -34.37
CA GLY A 26 10.55 23.58 -34.15
C GLY A 26 11.28 24.04 -32.92
N GLN A 27 11.65 25.33 -32.87
CA GLN A 27 12.40 25.90 -31.76
C GLN A 27 11.71 25.64 -30.42
N GLY A 28 12.45 25.09 -29.46
CA GLY A 28 11.95 24.83 -28.12
C GLY A 28 11.19 23.53 -27.93
N HIS A 29 10.76 22.87 -29.03
CA HIS A 29 10.02 21.61 -28.90
C HIS A 29 10.95 20.53 -28.37
N PRO A 30 10.57 19.80 -27.30
CA PRO A 30 11.51 18.83 -26.72
C PRO A 30 11.82 17.60 -27.60
N MET A 31 10.94 17.25 -28.52
CA MET A 31 11.15 16.08 -29.40
C MET A 31 12.18 16.40 -30.46
N LYS A 32 13.34 15.68 -30.40
CA LYS A 32 14.46 15.95 -31.32
C LYS A 32 14.84 14.70 -32.07
N PRO A 33 14.37 14.56 -33.31
CA PRO A 33 14.77 13.37 -34.11
C PRO A 33 16.26 13.18 -34.28
N HIS A 34 17.03 14.23 -34.13
CA HIS A 34 18.50 14.20 -34.19
C HIS A 34 19.06 13.17 -33.19
N ARG A 35 18.33 12.92 -32.07
CA ARG A 35 18.81 11.94 -31.11
C ARG A 35 18.94 10.52 -31.72
N ILE A 36 18.13 10.23 -32.79
N ILE A 36 18.15 10.20 -32.77
CA ILE A 36 18.16 8.93 -33.51
CA ILE A 36 18.26 8.88 -33.41
C ILE A 36 19.49 8.84 -34.28
C ILE A 36 19.56 8.83 -34.23
N ARG A 37 19.94 9.96 -34.87
CA ARG A 37 21.21 10.03 -35.59
C ARG A 37 22.36 9.94 -34.58
N MET A 38 22.25 10.59 -33.39
CA MET A 38 23.32 10.47 -32.41
C MET A 38 23.47 9.01 -31.96
N THR A 39 22.32 8.32 -31.74
CA THR A 39 22.36 6.92 -31.34
C THR A 39 23.09 6.11 -32.43
N HIS A 40 22.67 6.31 -33.70
CA HIS A 40 23.26 5.57 -34.81
C HIS A 40 24.75 5.79 -34.89
N ASN A 41 25.17 7.06 -34.75
CA ASN A 41 26.58 7.35 -34.88
C ASN A 41 27.38 6.76 -33.74
N LEU A 42 26.81 6.75 -32.53
CA LEU A 42 27.53 6.19 -31.41
C LEU A 42 27.65 4.66 -31.56
N LEU A 43 26.57 4.00 -31.97
CA LEU A 43 26.63 2.56 -32.06
C LEU A 43 27.56 2.15 -33.24
N LEU A 44 27.66 2.97 -34.30
CA LEU A 44 28.59 2.73 -35.39
C LEU A 44 30.05 2.84 -34.86
N ASN A 45 30.34 3.88 -34.06
CA ASN A 45 31.67 4.08 -33.53
C ASN A 45 32.07 3.04 -32.46
N TYR A 46 31.08 2.32 -31.90
CA TYR A 46 31.39 1.24 -30.97
C TYR A 46 31.63 -0.06 -31.78
N GLY A 47 31.38 -0.03 -33.08
CA GLY A 47 31.55 -1.20 -33.96
C GLY A 47 30.38 -2.15 -33.92
N LEU A 48 29.20 -1.70 -33.46
CA LEU A 48 28.03 -2.59 -33.35
C LEU A 48 27.36 -2.92 -34.72
N TYR A 49 27.83 -2.29 -35.83
CA TYR A 49 27.33 -2.55 -37.20
CA TYR A 49 27.36 -2.50 -37.21
C TYR A 49 27.86 -3.88 -37.71
N ARG A 50 29.05 -4.33 -37.23
CA ARG A 50 29.67 -5.60 -37.64
C ARG A 50 28.85 -6.83 -37.29
N LYS A 51 27.95 -6.68 -36.30
CA LYS A 51 27.14 -7.77 -35.82
C LYS A 51 25.66 -7.69 -36.21
N MET A 52 25.19 -6.60 -36.85
CA MET A 52 23.76 -6.49 -37.20
C MET A 52 23.53 -6.40 -38.65
N GLU A 53 22.32 -6.76 -39.07
CA GLU A 53 21.89 -6.58 -40.44
C GLU A 53 21.25 -5.18 -40.41
N ILE A 54 21.79 -4.20 -41.15
CA ILE A 54 21.24 -2.84 -41.14
C ILE A 54 20.42 -2.61 -42.38
N TYR A 55 19.16 -2.21 -42.22
CA TYR A 55 18.21 -1.95 -43.29
C TYR A 55 17.69 -0.52 -43.25
N ARG A 56 17.38 0.06 -44.42
CA ARG A 56 16.79 1.38 -44.54
C ARG A 56 15.30 1.11 -44.72
N PRO A 57 14.45 1.61 -43.82
CA PRO A 57 13.01 1.33 -43.95
C PRO A 57 12.43 1.92 -45.23
N HIS A 58 11.39 1.29 -45.78
CA HIS A 58 10.72 1.94 -46.89
C HIS A 58 9.83 3.07 -46.26
N LYS A 59 9.35 3.97 -47.08
CA LYS A 59 8.43 5.01 -46.62
C LYS A 59 7.02 4.36 -46.64
N ALA A 60 6.46 4.05 -45.44
CA ALA A 60 5.15 3.41 -45.36
C ALA A 60 4.10 4.24 -46.10
N THR A 61 3.22 3.55 -46.83
CA THR A 61 2.23 4.28 -47.62
C THR A 61 1.04 4.70 -46.76
N ALA A 62 0.28 5.73 -47.25
CA ALA A 62 -0.94 6.18 -46.58
C ALA A 62 -1.84 4.95 -46.40
N GLU A 63 -1.86 4.06 -47.40
CA GLU A 63 -2.62 2.83 -47.35
C GLU A 63 -2.19 1.90 -46.21
N GLU A 64 -0.87 1.74 -45.96
CA GLU A 64 -0.37 0.89 -44.88
C GLU A 64 -0.86 1.51 -43.55
N MET A 65 -0.83 2.82 -43.48
CA MET A 65 -1.23 3.53 -42.27
C MET A 65 -2.72 3.42 -41.99
N THR A 66 -3.55 3.34 -43.04
CA THR A 66 -5.00 3.22 -42.84
C THR A 66 -5.43 1.81 -42.43
N LYS A 67 -4.47 0.90 -42.15
CA LYS A 67 -4.83 -0.41 -41.59
C LYS A 67 -5.32 -0.13 -40.14
N TYR A 68 -4.95 1.04 -39.58
CA TYR A 68 -5.40 1.44 -38.25
C TYR A 68 -6.07 2.79 -38.31
N HIS A 69 -5.36 3.81 -38.81
CA HIS A 69 -5.84 5.18 -38.84
C HIS A 69 -6.96 5.45 -39.83
N SER A 70 -7.78 6.47 -39.55
CA SER A 70 -8.86 6.78 -40.49
C SER A 70 -8.32 7.36 -41.79
N ASP A 71 -9.07 7.17 -42.87
CA ASP A 71 -8.68 7.70 -44.18
C ASP A 71 -8.57 9.22 -44.14
N GLU A 72 -9.53 9.90 -43.48
CA GLU A 72 -9.51 11.35 -43.38
C GLU A 72 -8.30 11.91 -42.63
N TYR A 73 -7.91 11.22 -41.53
CA TYR A 73 -6.78 11.68 -40.76
C TYR A 73 -5.47 11.50 -41.56
N ILE A 74 -5.28 10.36 -42.23
CA ILE A 74 -4.06 10.15 -43.00
C ILE A 74 -4.01 11.09 -44.20
N LYS A 75 -5.19 11.34 -44.85
CA LYS A 75 -5.22 12.30 -45.99
C LYS A 75 -4.78 13.66 -45.51
N PHE A 76 -5.23 14.08 -44.30
CA PHE A 76 -4.83 15.35 -43.71
C PHE A 76 -3.31 15.41 -43.47
N LEU A 77 -2.73 14.35 -42.85
CA LEU A 77 -1.29 14.33 -42.57
C LEU A 77 -0.45 14.42 -43.86
N ARG A 78 -0.92 13.79 -44.93
CA ARG A 78 -0.23 13.79 -46.23
C ARG A 78 -0.38 15.13 -46.96
N SER A 79 -1.39 15.96 -46.59
CA SER A 79 -1.69 17.25 -47.25
C SER A 79 -1.18 18.50 -46.57
N ILE A 80 -1.19 18.52 -45.24
CA ILE A 80 -0.81 19.69 -44.46
C ILE A 80 0.68 20.01 -44.51
N ARG A 81 1.01 21.31 -44.65
CA ARG A 81 2.40 21.78 -44.70
C ARG A 81 2.46 23.13 -44.01
N PRO A 82 3.62 23.61 -43.52
CA PRO A 82 3.65 24.96 -42.90
C PRO A 82 3.14 26.08 -43.83
N ASP A 83 3.30 25.93 -45.17
CA ASP A 83 2.86 26.97 -46.13
C ASP A 83 1.36 26.99 -46.44
N ASN A 84 0.63 25.92 -46.14
CA ASN A 84 -0.80 25.84 -46.42
C ASN A 84 -1.65 25.67 -45.15
N MET A 85 -0.99 25.67 -43.96
CA MET A 85 -1.61 25.50 -42.64
C MET A 85 -2.83 26.38 -42.45
N SER A 86 -2.75 27.66 -42.90
CA SER A 86 -3.81 28.66 -42.77
C SER A 86 -5.14 28.20 -43.33
N GLU A 87 -5.11 27.28 -44.31
CA GLU A 87 -6.31 26.72 -44.97
C GLU A 87 -6.84 25.48 -44.24
N TYR A 88 -6.15 25.01 -43.20
CA TYR A 88 -6.53 23.81 -42.46
C TYR A 88 -6.85 24.01 -40.98
N SER A 89 -7.12 25.26 -40.56
CA SER A 89 -7.44 25.55 -39.16
C SER A 89 -8.51 24.63 -38.55
N LYS A 90 -9.55 24.27 -39.34
CA LYS A 90 -10.64 23.39 -38.89
C LYS A 90 -10.12 21.97 -38.61
N GLN A 91 -9.48 21.33 -39.61
CA GLN A 91 -8.94 20.00 -39.46
C GLN A 91 -7.84 19.90 -38.41
N MET A 92 -7.01 20.95 -38.25
CA MET A 92 -5.94 20.94 -37.24
C MET A 92 -6.55 20.79 -35.85
N GLN A 93 -7.70 21.44 -35.60
CA GLN A 93 -8.36 21.32 -34.30
C GLN A 93 -8.94 19.93 -34.11
N ARG A 94 -9.59 19.41 -35.16
CA ARG A 94 -10.22 18.10 -35.20
C ARG A 94 -9.19 16.99 -34.93
N PHE A 95 -7.97 17.13 -35.50
CA PHE A 95 -6.92 16.11 -35.37
C PHE A 95 -5.84 16.39 -34.33
N ASN A 96 -6.02 17.42 -33.51
CA ASN A 96 -5.12 17.80 -32.43
C ASN A 96 -3.72 18.14 -32.90
N VAL A 97 -3.66 18.85 -34.01
CA VAL A 97 -2.37 19.33 -34.53
C VAL A 97 -2.27 20.76 -33.98
N GLY A 98 -1.24 21.01 -33.18
CA GLY A 98 -1.00 22.25 -32.47
C GLY A 98 0.35 22.27 -31.80
N GLU A 99 0.48 22.82 -30.57
CA GLU A 99 1.75 22.95 -29.87
C GLU A 99 2.49 21.64 -29.65
N ASP A 100 1.83 20.61 -29.05
CA ASP A 100 2.55 19.35 -28.82
C ASP A 100 2.83 18.64 -30.12
N CYS A 101 1.87 18.68 -31.08
CA CYS A 101 1.97 17.98 -32.37
C CYS A 101 1.94 19.01 -33.51
N PRO A 102 3.05 19.72 -33.69
CA PRO A 102 3.04 20.79 -34.71
C PRO A 102 3.16 20.32 -36.12
N VAL A 103 2.84 21.25 -37.03
CA VAL A 103 3.05 21.01 -38.46
C VAL A 103 4.51 21.44 -38.68
N PHE A 104 5.31 20.56 -39.29
CA PHE A 104 6.69 20.89 -39.60
C PHE A 104 7.02 20.38 -40.98
N ASP A 105 8.05 20.94 -41.61
CA ASP A 105 8.43 20.51 -42.95
C ASP A 105 8.79 19.01 -42.93
N GLY A 106 8.19 18.26 -43.83
CA GLY A 106 8.47 16.83 -43.96
C GLY A 106 7.75 15.97 -42.93
N LEU A 107 6.75 16.51 -42.23
CA LEU A 107 6.00 15.75 -41.21
C LEU A 107 5.54 14.39 -41.73
N PHE A 108 4.91 14.34 -42.90
CA PHE A 108 4.42 13.07 -43.39
C PHE A 108 5.56 12.08 -43.66
N GLU A 109 6.66 12.54 -44.27
CA GLU A 109 7.82 11.66 -44.54
C GLU A 109 8.39 11.14 -43.25
N PHE A 110 8.44 11.98 -42.18
CA PHE A 110 8.91 11.53 -40.87
C PHE A 110 8.03 10.36 -40.38
N CYS A 111 6.69 10.51 -40.51
CA CYS A 111 5.77 9.45 -40.09
C CYS A 111 6.00 8.20 -40.92
N GLN A 112 6.24 8.39 -42.24
CA GLN A 112 6.47 7.24 -43.12
C GLN A 112 7.70 6.43 -42.75
N LEU A 113 8.78 7.13 -42.34
CA LEU A 113 10.04 6.46 -41.97
C LEU A 113 9.91 5.79 -40.59
N SER A 114 9.30 6.50 -39.62
CA SER A 114 9.11 5.94 -38.28
C SER A 114 8.27 4.65 -38.41
N THR A 115 7.15 4.72 -39.18
CA THR A 115 6.26 3.59 -39.38
C THR A 115 6.91 2.50 -40.21
N GLY A 116 7.58 2.89 -41.28
CA GLY A 116 8.20 1.90 -42.15
C GLY A 116 9.16 0.98 -41.42
N GLY A 117 9.92 1.53 -40.49
CA GLY A 117 10.85 0.70 -39.73
C GLY A 117 10.16 -0.30 -38.83
N SER A 118 9.05 0.13 -38.19
CA SER A 118 8.34 -0.79 -37.30
C SER A 118 7.62 -1.89 -38.05
N VAL A 119 6.94 -1.53 -39.14
N VAL A 119 6.93 -1.54 -39.15
CA VAL A 119 6.24 -2.53 -39.94
CA VAL A 119 6.23 -2.57 -39.92
C VAL A 119 7.26 -3.48 -40.61
C VAL A 119 7.21 -3.47 -40.67
N ALA A 120 8.35 -2.93 -41.18
CA ALA A 120 9.39 -3.78 -41.85
C ALA A 120 9.96 -4.76 -40.83
N GLY A 121 10.19 -4.30 -39.59
CA GLY A 121 10.71 -5.19 -38.56
C GLY A 121 9.73 -6.30 -38.23
N ALA A 122 8.44 -5.95 -38.16
CA ALA A 122 7.43 -6.95 -37.88
C ALA A 122 7.34 -7.99 -39.02
N VAL A 123 7.46 -7.54 -40.29
CA VAL A 123 7.43 -8.48 -41.42
C VAL A 123 8.64 -9.44 -41.31
N LYS A 124 9.82 -8.93 -40.98
CA LYS A 124 11.04 -9.74 -40.87
C LYS A 124 10.86 -10.79 -39.76
N LEU A 125 10.23 -10.41 -38.63
CA LEU A 125 9.96 -11.34 -37.56
C LEU A 125 8.95 -12.40 -38.00
N ASN A 126 7.88 -11.98 -38.67
CA ASN A 126 6.86 -12.91 -39.19
C ASN A 126 7.48 -13.97 -40.13
N ARG A 127 8.47 -13.55 -40.94
CA ARG A 127 9.15 -14.46 -41.88
C ARG A 127 10.18 -15.33 -41.21
N GLN A 128 10.39 -15.17 -39.88
CA GLN A 128 11.35 -15.94 -39.09
C GLN A 128 12.76 -15.74 -39.63
N GLN A 129 13.01 -14.50 -40.14
CA GLN A 129 14.31 -14.15 -40.72
C GLN A 129 15.18 -13.38 -39.75
N THR A 130 14.65 -13.12 -38.54
CA THR A 130 15.39 -12.48 -37.48
C THR A 130 14.78 -12.86 -36.15
N ASP A 131 15.56 -12.74 -35.10
CA ASP A 131 15.12 -13.00 -33.73
C ASP A 131 14.66 -11.68 -33.09
N MET A 132 15.37 -10.60 -33.42
CA MET A 132 15.09 -9.26 -32.93
CA MET A 132 15.07 -9.27 -32.92
C MET A 132 15.13 -8.25 -34.04
N ALA A 133 14.25 -7.28 -34.00
CA ALA A 133 14.20 -6.21 -34.98
C ALA A 133 14.18 -4.93 -34.15
N VAL A 134 15.00 -3.93 -34.51
CA VAL A 134 15.13 -2.69 -33.73
C VAL A 134 14.78 -1.51 -34.61
N ASN A 135 13.93 -0.59 -34.10
CA ASN A 135 13.60 0.62 -34.83
C ASN A 135 13.55 1.75 -33.81
N TRP A 136 14.67 2.44 -33.65
CA TRP A 136 14.70 3.51 -32.63
C TRP A 136 13.86 4.70 -33.02
N ALA A 137 13.51 4.85 -34.30
CA ALA A 137 12.65 5.95 -34.73
C ALA A 137 11.17 5.66 -34.49
N GLY A 138 10.83 4.45 -34.03
CA GLY A 138 9.43 4.10 -33.75
C GLY A 138 9.09 4.26 -32.28
N GLY A 139 7.98 3.64 -31.87
CA GLY A 139 7.54 3.70 -30.49
C GLY A 139 6.65 4.90 -30.16
N LEU A 140 5.97 5.49 -31.16
CA LEU A 140 5.17 6.71 -30.95
C LEU A 140 3.76 6.33 -30.50
N HIS A 141 3.72 5.94 -29.24
CA HIS A 141 2.60 5.26 -28.61
C HIS A 141 1.35 6.04 -28.31
N HIS A 142 1.35 7.39 -28.45
CA HIS A 142 0.14 8.16 -28.11
C HIS A 142 -0.80 8.35 -29.28
N ALA A 143 -0.34 8.19 -30.53
CA ALA A 143 -1.23 8.48 -31.65
C ALA A 143 -2.49 7.63 -31.65
N LYS A 144 -3.62 8.27 -31.99
CA LYS A 144 -4.91 7.60 -31.98
C LYS A 144 -5.43 7.37 -33.38
N LYS A 145 -6.52 6.61 -33.53
CA LYS A 145 -7.07 6.33 -34.84
C LYS A 145 -7.23 7.60 -35.69
N SER A 146 -7.82 8.66 -35.13
CA SER A 146 -8.01 9.89 -35.92
C SER A 146 -7.53 11.14 -35.22
N GLU A 147 -6.43 11.04 -34.47
CA GLU A 147 -5.92 12.17 -33.75
C GLU A 147 -4.44 11.99 -33.43
N ALA A 148 -3.69 13.09 -33.57
CA ALA A 148 -2.30 13.14 -33.15
C ALA A 148 -2.35 13.40 -31.64
N SER A 149 -1.33 12.99 -30.92
CA SER A 149 -1.26 13.22 -29.47
C SER A 149 0.18 13.07 -29.00
N GLY A 150 0.61 13.93 -28.08
CA GLY A 150 1.88 13.78 -27.39
C GLY A 150 3.08 13.50 -28.26
N PHE A 151 3.23 14.33 -29.27
CA PHE A 151 4.36 14.36 -30.23
C PHE A 151 4.27 13.23 -31.24
N CYS A 152 3.21 12.44 -31.21
CA CYS A 152 2.98 11.25 -32.05
C CYS A 152 1.90 11.52 -33.06
N TYR A 153 2.08 11.14 -34.34
CA TYR A 153 1.06 11.36 -35.36
C TYR A 153 0.51 10.06 -35.90
N VAL A 154 1.42 9.09 -36.17
CA VAL A 154 1.00 7.80 -36.69
C VAL A 154 1.49 6.77 -35.69
N ASN A 155 0.61 5.87 -35.27
CA ASN A 155 0.97 4.87 -34.28
C ASN A 155 1.63 3.68 -34.96
N ASP A 156 2.97 3.80 -35.11
CA ASP A 156 3.75 2.75 -35.74
C ASP A 156 3.65 1.44 -34.97
N ILE A 157 3.46 1.52 -33.62
CA ILE A 157 3.36 0.34 -32.79
C ILE A 157 2.12 -0.46 -33.11
N VAL A 158 0.97 0.22 -33.16
CA VAL A 158 -0.27 -0.46 -33.47
C VAL A 158 -0.17 -1.11 -34.85
N LEU A 159 0.39 -0.38 -35.83
CA LEU A 159 0.54 -0.95 -37.17
C LEU A 159 1.47 -2.16 -37.17
N ALA A 160 2.57 -2.12 -36.38
CA ALA A 160 3.46 -3.26 -36.33
C ALA A 160 2.79 -4.45 -35.64
N ILE A 161 1.97 -4.17 -34.58
CA ILE A 161 1.29 -5.27 -33.90
C ILE A 161 0.26 -5.90 -34.82
N LEU A 162 -0.49 -5.09 -35.57
CA LEU A 162 -1.45 -5.66 -36.54
C LEU A 162 -0.69 -6.55 -37.55
N GLU A 163 0.55 -6.18 -37.93
CA GLU A 163 1.29 -7.03 -38.84
C GLU A 163 1.65 -8.35 -38.14
N LEU A 164 2.14 -8.27 -36.90
CA LEU A 164 2.48 -9.48 -36.15
C LEU A 164 1.27 -10.39 -35.96
N LEU A 165 0.08 -9.80 -35.76
CA LEU A 165 -1.15 -10.60 -35.57
C LEU A 165 -1.49 -11.46 -36.80
N LYS A 166 -0.87 -11.20 -37.96
CA LYS A 166 -1.14 -12.04 -39.14
C LYS A 166 -0.57 -13.45 -38.93
N TYR A 167 0.48 -13.60 -38.12
CA TYR A 167 1.15 -14.87 -37.86
C TYR A 167 1.16 -15.30 -36.40
N HIS A 168 0.79 -14.39 -35.47
CA HIS A 168 0.84 -14.67 -34.03
C HIS A 168 -0.50 -14.51 -33.41
N GLN A 169 -0.95 -15.55 -32.68
CA GLN A 169 -2.25 -15.54 -32.03
C GLN A 169 -2.29 -14.52 -30.91
N ARG A 170 -1.20 -14.49 -30.12
CA ARG A 170 -1.09 -13.59 -28.96
C ARG A 170 0.19 -12.79 -29.03
N VAL A 171 0.07 -11.46 -28.92
CA VAL A 171 1.22 -10.55 -28.94
C VAL A 171 1.26 -9.80 -27.62
N LEU A 172 2.44 -9.75 -27.01
CA LEU A 172 2.61 -9.01 -25.76
C LEU A 172 3.31 -7.68 -26.07
N TYR A 173 2.71 -6.59 -25.61
CA TYR A 173 3.27 -5.25 -25.73
C TYR A 173 3.70 -4.78 -24.35
N ILE A 174 4.97 -4.33 -24.20
CA ILE A 174 5.52 -3.82 -22.92
C ILE A 174 6.04 -2.42 -23.19
N ASP A 175 5.69 -1.47 -22.30
CA ASP A 175 6.06 -0.07 -22.51
C ASP A 175 6.72 0.51 -21.27
N ILE A 176 8.01 0.87 -21.37
CA ILE A 176 8.79 1.41 -20.26
C ILE A 176 9.07 2.90 -20.40
N ASP A 177 8.41 3.55 -21.35
CA ASP A 177 8.42 5.01 -21.43
C ASP A 177 7.85 5.54 -20.09
N ILE A 178 8.24 6.76 -19.69
CA ILE A 178 7.65 7.28 -18.46
C ILE A 178 6.16 7.60 -18.62
N HIS A 179 5.73 7.87 -19.86
CA HIS A 179 4.34 8.20 -20.10
C HIS A 179 3.51 6.96 -20.41
N HIS A 180 2.24 6.93 -19.96
CA HIS A 180 1.38 5.82 -20.24
C HIS A 180 1.24 5.54 -21.75
N GLY A 181 1.29 4.28 -22.18
CA GLY A 181 1.12 3.92 -23.59
C GLY A 181 -0.37 3.85 -23.95
N ASP A 182 -1.04 5.00 -23.91
CA ASP A 182 -2.49 5.08 -24.11
C ASP A 182 -2.99 4.74 -25.50
N GLY A 183 -2.29 5.15 -26.57
CA GLY A 183 -2.77 4.87 -27.91
C GLY A 183 -2.77 3.39 -28.22
N VAL A 184 -1.73 2.67 -27.77
CA VAL A 184 -1.67 1.24 -27.99
C VAL A 184 -2.69 0.52 -27.12
N GLU A 185 -2.81 0.92 -25.82
CA GLU A 185 -3.79 0.30 -24.95
C GLU A 185 -5.20 0.49 -25.51
N GLU A 186 -5.53 1.71 -25.97
CA GLU A 186 -6.87 1.98 -26.51
C GLU A 186 -7.14 1.14 -27.75
N ALA A 187 -6.15 1.02 -28.67
CA ALA A 187 -6.37 0.27 -29.90
C ALA A 187 -6.76 -1.17 -29.67
N PHE A 188 -6.22 -1.79 -28.61
CA PHE A 188 -6.48 -3.20 -28.34
C PHE A 188 -7.28 -3.48 -27.06
N TYR A 189 -7.94 -2.45 -26.55
CA TYR A 189 -8.61 -2.52 -25.26
C TYR A 189 -9.65 -3.61 -25.13
N THR A 190 -10.32 -3.97 -26.25
CA THR A 190 -11.40 -4.97 -26.18
C THR A 190 -11.04 -6.32 -26.80
N THR A 191 -9.74 -6.60 -27.00
CA THR A 191 -9.32 -7.87 -27.53
C THR A 191 -8.34 -8.59 -26.59
N ASP A 192 -8.32 -9.91 -26.64
CA ASP A 192 -7.39 -10.74 -25.88
C ASP A 192 -6.19 -11.17 -26.70
N ARG A 193 -6.16 -10.74 -27.98
CA ARG A 193 -5.05 -11.10 -28.86
C ARG A 193 -3.80 -10.27 -28.66
N VAL A 194 -3.94 -9.19 -27.88
CA VAL A 194 -2.79 -8.34 -27.52
C VAL A 194 -2.94 -8.07 -26.02
N MET A 195 -1.86 -8.29 -25.26
CA MET A 195 -1.84 -7.89 -23.86
C MET A 195 -0.94 -6.64 -23.80
N THR A 196 -1.42 -5.53 -23.23
CA THR A 196 -0.62 -4.31 -23.13
C THR A 196 -0.20 -4.13 -21.69
N VAL A 197 1.09 -3.89 -21.43
CA VAL A 197 1.64 -3.71 -20.10
C VAL A 197 2.42 -2.42 -20.06
N SER A 198 1.96 -1.46 -19.29
CA SER A 198 2.63 -0.17 -19.22
C SER A 198 3.05 0.17 -17.82
N PHE A 199 4.31 0.61 -17.66
CA PHE A 199 4.87 1.07 -16.39
C PHE A 199 5.06 2.54 -16.61
N HIS A 200 4.44 3.41 -15.78
CA HIS A 200 4.56 4.84 -16.09
C HIS A 200 4.28 5.70 -14.87
N LYS A 201 4.69 6.97 -14.96
CA LYS A 201 4.35 7.94 -13.91
C LYS A 201 2.86 8.20 -14.04
N TYR A 202 2.16 8.22 -12.88
CA TYR A 202 0.72 8.44 -12.86
C TYR A 202 0.43 9.42 -11.74
N GLY A 203 -0.27 10.50 -12.10
CA GLY A 203 -0.64 11.57 -11.16
C GLY A 203 -0.10 12.90 -11.63
N GLU A 204 -1.00 13.82 -11.99
CA GLU A 204 -0.64 15.17 -12.50
C GLU A 204 0.43 15.03 -13.60
N TYR A 205 0.15 14.17 -14.57
CA TYR A 205 1.13 13.88 -15.61
C TYR A 205 0.44 13.39 -16.87
N PHE A 206 0.94 13.84 -18.03
CA PHE A 206 0.40 13.42 -19.30
C PHE A 206 0.55 11.89 -19.51
N PRO A 207 -0.43 11.24 -20.17
CA PRO A 207 -1.70 11.75 -20.69
C PRO A 207 -2.89 11.70 -19.72
N GLY A 208 -2.64 11.31 -18.47
CA GLY A 208 -3.70 11.27 -17.47
C GLY A 208 -4.39 9.94 -17.31
N THR A 209 -4.05 8.96 -18.14
CA THR A 209 -4.62 7.62 -18.17
C THR A 209 -3.63 6.62 -17.57
N GLY A 210 -4.04 5.36 -17.55
CA GLY A 210 -3.19 4.33 -17.01
C GLY A 210 -3.34 4.09 -15.52
N ASP A 211 -4.57 4.23 -15.02
CA ASP A 211 -4.81 3.92 -13.62
C ASP A 211 -4.66 2.41 -13.45
N LEU A 212 -4.30 1.98 -12.25
CA LEU A 212 -4.20 0.59 -11.84
C LEU A 212 -5.52 -0.17 -12.19
N ARG A 213 -6.64 0.55 -12.08
CA ARG A 213 -7.96 -0.01 -12.30
C ARG A 213 -8.38 -0.11 -13.76
N ASP A 214 -7.55 0.35 -14.72
CA ASP A 214 -7.88 0.23 -16.14
C ASP A 214 -7.28 -1.11 -16.57
N ILE A 215 -8.14 -2.13 -16.72
CA ILE A 215 -7.70 -3.49 -16.98
C ILE A 215 -8.25 -4.08 -18.27
N GLY A 216 -8.91 -3.26 -19.09
CA GLY A 216 -9.47 -3.79 -20.32
C GLY A 216 -10.98 -3.87 -20.24
N ALA A 217 -11.64 -4.20 -21.35
CA ALA A 217 -13.10 -4.29 -21.38
C ALA A 217 -13.53 -5.40 -22.33
N GLY A 218 -14.70 -6.00 -22.08
CA GLY A 218 -15.20 -7.09 -22.91
C GLY A 218 -14.25 -8.26 -22.97
N LYS A 219 -13.94 -8.77 -24.20
CA LYS A 219 -13.01 -9.88 -24.37
C LYS A 219 -11.57 -9.49 -23.92
N GLY A 220 -11.33 -8.20 -23.86
CA GLY A 220 -10.05 -7.66 -23.42
C GLY A 220 -9.94 -7.49 -21.92
N LYS A 221 -10.98 -7.86 -21.13
CA LYS A 221 -10.85 -7.68 -19.67
C LYS A 221 -9.75 -8.58 -19.17
N TYR A 222 -8.83 -7.96 -18.41
CA TYR A 222 -7.61 -8.52 -17.82
C TYR A 222 -6.43 -8.55 -18.81
N TYR A 223 -6.64 -7.99 -20.01
CA TYR A 223 -5.56 -7.99 -21.01
C TYR A 223 -4.90 -6.62 -21.14
N ALA A 224 -5.19 -5.70 -20.22
CA ALA A 224 -4.50 -4.42 -20.17
C ALA A 224 -3.98 -4.36 -18.72
N VAL A 225 -2.69 -4.06 -18.55
CA VAL A 225 -2.02 -4.03 -17.24
C VAL A 225 -1.35 -2.68 -17.13
N ASN A 226 -1.57 -1.98 -16.01
CA ASN A 226 -0.98 -0.67 -15.78
C ASN A 226 -0.33 -0.65 -14.43
N PHE A 227 0.93 -0.22 -14.37
CA PHE A 227 1.65 -0.11 -13.11
C PHE A 227 1.93 1.38 -12.90
N PRO A 228 1.07 2.06 -12.12
CA PRO A 228 1.24 3.51 -11.88
C PRO A 228 2.31 3.80 -10.86
N MET A 229 3.23 4.73 -11.17
CA MET A 229 4.36 5.03 -10.30
C MET A 229 4.43 6.51 -9.97
N ARG A 230 5.15 6.82 -8.91
CA ARG A 230 5.38 8.19 -8.46
C ARG A 230 6.78 8.62 -8.88
N ASP A 231 7.11 9.88 -8.62
CA ASP A 231 8.46 10.36 -8.96
C ASP A 231 9.58 9.61 -8.30
N GLY A 232 10.74 9.61 -8.95
CA GLY A 232 11.96 9.10 -8.37
C GLY A 232 12.27 7.64 -8.33
N ILE A 233 11.51 6.82 -9.10
CA ILE A 233 11.82 5.41 -9.09
C ILE A 233 13.26 5.18 -9.53
N ASP A 234 13.95 4.26 -8.88
CA ASP A 234 15.34 3.95 -9.14
C ASP A 234 15.52 2.53 -9.66
N ASP A 235 16.74 2.16 -10.02
CA ASP A 235 17.03 0.84 -10.59
C ASP A 235 16.61 -0.33 -9.72
N GLU A 236 16.92 -0.24 -8.42
CA GLU A 236 16.62 -1.29 -7.45
C GLU A 236 15.11 -1.55 -7.42
N SER A 237 14.32 -0.50 -7.23
CA SER A 237 12.87 -0.55 -7.16
C SER A 237 12.22 -1.03 -8.47
N TYR A 238 12.65 -0.47 -9.60
CA TYR A 238 12.04 -0.86 -10.88
C TYR A 238 12.36 -2.33 -11.18
N GLY A 239 13.61 -2.74 -10.98
CA GLY A 239 14.06 -4.09 -11.27
C GLY A 239 13.32 -5.17 -10.52
N GLN A 240 12.98 -4.91 -9.23
CA GLN A 240 12.28 -5.89 -8.38
C GLN A 240 10.79 -6.04 -8.70
N ILE A 241 10.17 -5.14 -9.50
CA ILE A 241 8.81 -5.38 -9.91
C ILE A 241 8.76 -5.80 -11.39
N PHE A 242 9.73 -5.34 -12.22
CA PHE A 242 9.63 -5.64 -13.65
C PHE A 242 9.75 -7.13 -13.96
N LYS A 243 10.81 -7.79 -13.51
CA LYS A 243 10.97 -9.21 -13.81
C LYS A 243 9.81 -10.05 -13.23
N PRO A 244 9.39 -9.88 -11.96
CA PRO A 244 8.27 -10.70 -11.48
C PRO A 244 6.97 -10.45 -12.27
N ILE A 245 6.68 -9.18 -12.66
CA ILE A 245 5.46 -8.98 -13.42
C ILE A 245 5.54 -9.58 -14.81
N ILE A 246 6.64 -9.32 -15.52
CA ILE A 246 6.77 -9.87 -16.88
C ILE A 246 6.83 -11.39 -16.81
N SER A 247 7.49 -11.98 -15.79
CA SER A 247 7.52 -13.47 -15.72
C SER A 247 6.09 -14.04 -15.54
N LYS A 248 5.26 -13.37 -14.74
CA LYS A 248 3.88 -13.83 -14.53
C LYS A 248 3.02 -13.65 -15.77
N VAL A 249 3.22 -12.53 -16.49
CA VAL A 249 2.52 -12.27 -17.73
C VAL A 249 2.95 -13.35 -18.73
N MET A 250 4.24 -13.65 -18.84
CA MET A 250 4.69 -14.69 -19.77
C MET A 250 4.02 -16.03 -19.43
N GLU A 251 4.03 -16.38 -18.16
CA GLU A 251 3.46 -17.65 -17.70
C GLU A 251 1.97 -17.78 -18.03
N MET A 252 1.19 -16.73 -17.74
CA MET A 252 -0.25 -16.77 -17.94
C MET A 252 -0.71 -16.56 -19.37
N TYR A 253 -0.08 -15.60 -20.07
CA TYR A 253 -0.49 -15.21 -21.41
C TYR A 253 0.14 -16.00 -22.52
N GLN A 254 1.37 -16.49 -22.31
CA GLN A 254 2.08 -17.32 -23.29
C GLN A 254 2.07 -16.66 -24.70
N PRO A 255 2.60 -15.43 -24.80
CA PRO A 255 2.59 -14.76 -26.10
C PRO A 255 3.55 -15.43 -27.09
N SER A 256 3.34 -15.26 -28.40
CA SER A 256 4.32 -15.83 -29.32
C SER A 256 5.22 -14.77 -29.94
N ALA A 257 4.95 -13.47 -29.66
CA ALA A 257 5.81 -12.38 -30.13
C ALA A 257 5.66 -11.27 -29.11
N VAL A 258 6.71 -10.46 -29.02
CA VAL A 258 6.76 -9.34 -28.08
C VAL A 258 7.19 -8.05 -28.75
N VAL A 259 6.58 -6.92 -28.36
CA VAL A 259 6.95 -5.58 -28.80
C VAL A 259 7.30 -4.84 -27.52
N LEU A 260 8.53 -4.30 -27.46
CA LEU A 260 8.99 -3.55 -26.31
C LEU A 260 9.28 -2.12 -26.70
N GLN A 261 8.51 -1.19 -26.12
CA GLN A 261 8.71 0.24 -26.34
C GLN A 261 9.72 0.66 -25.25
N CYS A 262 10.88 1.21 -25.67
CA CYS A 262 12.01 1.56 -24.82
C CYS A 262 12.18 3.02 -24.61
N GLY A 263 11.07 3.75 -24.47
CA GLY A 263 11.18 5.19 -24.23
C GLY A 263 12.18 5.52 -23.13
N ALA A 264 13.14 6.43 -23.44
CA ALA A 264 14.27 6.72 -22.55
C ALA A 264 14.01 7.90 -21.64
N ASP A 265 12.75 8.39 -21.60
CA ASP A 265 12.40 9.49 -20.70
C ASP A 265 12.15 9.01 -19.27
N SER A 266 12.34 7.70 -19.04
CA SER A 266 12.29 7.11 -17.72
C SER A 266 13.70 7.16 -17.07
N LEU A 267 14.73 7.71 -17.79
CA LEU A 267 16.05 7.85 -17.22
C LEU A 267 16.17 9.07 -16.33
N SER A 268 17.07 8.96 -15.36
CA SER A 268 17.47 10.07 -14.51
C SER A 268 17.93 11.24 -15.38
N GLY A 269 17.55 12.45 -15.01
CA GLY A 269 17.98 13.63 -15.72
C GLY A 269 17.21 13.97 -16.98
N ASP A 270 16.12 13.26 -17.28
CA ASP A 270 15.34 13.57 -18.46
C ASP A 270 14.70 14.94 -18.35
N ARG A 271 14.68 15.71 -19.46
CA ARG A 271 14.10 17.04 -19.45
C ARG A 271 12.60 17.05 -19.07
N LEU A 272 11.85 16.02 -19.47
CA LEU A 272 10.41 15.94 -19.17
CA LEU A 272 10.41 15.92 -19.20
C LEU A 272 10.05 14.92 -18.09
N GLY A 273 10.91 13.95 -17.89
CA GLY A 273 10.64 12.89 -16.91
C GLY A 273 11.08 13.21 -15.52
N CYS A 274 10.60 12.41 -14.57
CA CYS A 274 10.87 12.57 -13.15
C CYS A 274 11.23 11.25 -12.49
N PHE A 275 11.79 10.32 -13.26
CA PHE A 275 12.24 9.06 -12.72
C PHE A 275 13.76 9.11 -12.52
N ASN A 276 14.35 8.08 -11.94
CA ASN A 276 15.75 8.08 -11.62
C ASN A 276 16.48 6.80 -12.01
N LEU A 277 16.13 6.24 -13.18
CA LEU A 277 16.81 5.07 -13.67
C LEU A 277 18.13 5.39 -14.32
N THR A 278 19.06 4.45 -14.24
CA THR A 278 20.32 4.58 -14.99
C THR A 278 20.11 3.84 -16.32
N VAL A 279 21.09 3.93 -17.22
CA VAL A 279 21.02 3.20 -18.47
C VAL A 279 21.03 1.69 -18.17
N LYS A 280 21.81 1.24 -17.18
CA LYS A 280 21.82 -0.19 -16.82
C LYS A 280 20.44 -0.63 -16.28
N GLY A 281 19.81 0.22 -15.47
CA GLY A 281 18.49 -0.12 -14.92
C GLY A 281 17.43 -0.20 -16.00
N HIS A 282 17.49 0.74 -16.98
CA HIS A 282 16.56 0.72 -18.08
C HIS A 282 16.82 -0.53 -18.95
N ALA A 283 18.09 -0.79 -19.26
CA ALA A 283 18.45 -1.91 -20.12
C ALA A 283 18.20 -3.27 -19.50
N LYS A 284 18.11 -3.33 -18.18
CA LYS A 284 17.79 -4.60 -17.52
C LYS A 284 16.39 -5.08 -18.01
N CYS A 285 15.50 -4.14 -18.41
CA CYS A 285 14.20 -4.53 -18.93
C CYS A 285 14.35 -5.29 -20.23
N VAL A 286 15.29 -4.83 -21.10
CA VAL A 286 15.55 -5.50 -22.37
C VAL A 286 16.15 -6.86 -22.07
N GLU A 287 17.08 -6.95 -21.08
CA GLU A 287 17.68 -8.26 -20.73
C GLU A 287 16.57 -9.22 -20.28
N VAL A 288 15.67 -8.75 -19.42
CA VAL A 288 14.58 -9.62 -18.91
C VAL A 288 13.70 -10.15 -20.04
N VAL A 289 13.31 -9.28 -20.97
CA VAL A 289 12.44 -9.68 -22.05
C VAL A 289 13.15 -10.65 -23.02
N LYS A 290 14.41 -10.30 -23.39
CA LYS A 290 15.21 -11.11 -24.32
C LYS A 290 15.39 -12.54 -23.79
N THR A 291 15.45 -12.71 -22.47
CA THR A 291 15.66 -14.01 -21.83
C THR A 291 14.56 -15.05 -22.19
N PHE A 292 13.32 -14.59 -22.52
CA PHE A 292 12.18 -15.47 -22.87
C PHE A 292 12.32 -16.07 -24.26
N ASN A 293 13.33 -15.62 -25.04
CA ASN A 293 13.60 -16.18 -26.36
C ASN A 293 12.41 -16.18 -27.31
N LEU A 294 11.68 -15.04 -27.36
CA LEU A 294 10.55 -14.91 -28.28
C LEU A 294 10.89 -13.87 -29.34
N PRO A 295 10.28 -13.95 -30.54
CA PRO A 295 10.47 -12.89 -31.56
C PRO A 295 10.19 -11.54 -30.88
N LEU A 296 11.12 -10.60 -31.02
CA LEU A 296 11.03 -9.34 -30.30
C LEU A 296 11.28 -8.13 -31.19
N LEU A 297 10.34 -7.17 -31.15
CA LEU A 297 10.47 -5.91 -31.87
C LEU A 297 10.78 -4.86 -30.78
N MET A 298 11.95 -4.22 -30.85
CA MET A 298 12.38 -3.19 -29.91
C MET A 298 12.22 -1.85 -30.57
N LEU A 299 11.50 -0.92 -29.92
CA LEU A 299 11.20 0.39 -30.46
C LEU A 299 11.66 1.48 -29.55
N GLY A 300 11.78 2.67 -30.10
CA GLY A 300 12.13 3.86 -29.35
C GLY A 300 10.92 4.44 -28.63
N GLY A 301 10.88 5.76 -28.54
CA GLY A 301 9.80 6.44 -27.85
C GLY A 301 10.30 7.75 -27.34
N GLY A 302 9.92 8.10 -26.14
CA GLY A 302 10.36 9.36 -25.55
C GLY A 302 11.83 9.36 -25.20
N GLY A 303 12.29 10.50 -24.66
CA GLY A 303 13.69 10.69 -24.32
C GLY A 303 14.06 12.08 -24.80
N TYR A 304 14.27 12.98 -23.83
CA TYR A 304 14.42 14.41 -24.08
C TYR A 304 15.71 15.04 -23.60
N THR A 305 16.63 14.26 -23.00
CA THR A 305 18.01 14.72 -22.68
C THR A 305 18.78 13.85 -23.68
N ILE A 306 19.05 14.40 -24.85
CA ILE A 306 19.44 13.58 -25.98
C ILE A 306 20.76 12.85 -25.84
N ARG A 307 21.74 13.36 -25.07
CA ARG A 307 22.96 12.61 -24.88
C ARG A 307 22.66 11.27 -24.14
N ASN A 308 21.65 11.30 -23.25
CA ASN A 308 21.32 10.10 -22.49
C ASN A 308 20.48 9.14 -23.29
N VAL A 309 19.68 9.65 -24.22
CA VAL A 309 18.92 8.79 -25.12
C VAL A 309 19.92 8.01 -25.99
N ALA A 310 20.94 8.70 -26.52
CA ALA A 310 21.92 8.02 -27.38
C ALA A 310 22.67 6.98 -26.58
N ARG A 311 23.01 7.27 -25.33
CA ARG A 311 23.71 6.25 -24.51
C ARG A 311 22.78 5.05 -24.29
N CYS A 312 21.54 5.33 -23.92
CA CYS A 312 20.58 4.30 -23.59
C CYS A 312 20.34 3.32 -24.73
N TRP A 313 20.00 3.88 -25.89
CA TRP A 313 19.68 3.04 -27.02
C TRP A 313 20.92 2.37 -27.61
N THR A 314 22.10 3.00 -27.47
CA THR A 314 23.32 2.31 -27.93
C THR A 314 23.55 1.09 -27.02
N TYR A 315 23.40 1.29 -25.69
CA TYR A 315 23.63 0.17 -24.79
C TYR A 315 22.57 -0.91 -24.99
N GLU A 316 21.32 -0.53 -25.24
CA GLU A 316 20.28 -1.55 -25.46
C GLU A 316 20.45 -2.32 -26.76
N THR A 317 21.08 -1.69 -27.78
CA THR A 317 21.40 -2.40 -29.01
C THR A 317 22.53 -3.42 -28.67
N ALA A 318 23.52 -3.01 -27.86
CA ALA A 318 24.59 -3.95 -27.46
C ALA A 318 23.98 -5.11 -26.66
N VAL A 319 23.00 -4.84 -25.79
CA VAL A 319 22.31 -5.92 -25.03
C VAL A 319 21.63 -6.86 -26.02
N ALA A 320 20.91 -6.35 -27.03
CA ALA A 320 20.26 -7.19 -28.02
C ALA A 320 21.26 -8.12 -28.69
N LEU A 321 22.47 -7.61 -28.95
CA LEU A 321 23.53 -8.35 -29.63
C LEU A 321 24.36 -9.21 -28.70
N ASP A 322 24.14 -9.16 -27.36
CA ASP A 322 24.97 -9.90 -26.41
C ASP A 322 26.43 -9.47 -26.58
N CYS A 323 26.65 -8.17 -26.83
CA CYS A 323 27.98 -7.62 -27.01
CA CYS A 323 27.96 -7.57 -27.06
C CYS A 323 28.32 -6.67 -25.90
N GLU A 324 29.49 -6.89 -25.28
CA GLU A 324 29.93 -6.05 -24.19
C GLU A 324 30.65 -4.88 -24.86
N ILE A 325 30.40 -3.67 -24.35
CA ILE A 325 31.04 -2.47 -24.88
C ILE A 325 31.61 -1.69 -23.72
N PRO A 326 32.78 -1.04 -23.94
CA PRO A 326 33.43 -0.29 -22.86
C PRO A 326 32.66 0.95 -22.42
N ASN A 327 32.86 1.36 -21.17
CA ASN A 327 32.24 2.54 -20.63
C ASN A 327 32.86 3.81 -21.25
N GLU A 328 34.13 3.73 -21.67
CA GLU A 328 34.78 4.89 -22.29
C GLU A 328 34.14 5.07 -23.68
N LEU A 329 33.56 6.25 -23.95
CA LEU A 329 32.94 6.43 -25.25
C LEU A 329 33.96 6.52 -26.37
N PRO A 330 33.70 5.91 -27.53
CA PRO A 330 34.61 6.07 -28.66
C PRO A 330 34.38 7.48 -29.22
N TYR A 331 35.41 8.01 -29.92
CA TYR A 331 35.21 9.28 -30.58
C TYR A 331 34.05 9.11 -31.60
N ASN A 332 33.28 10.18 -31.81
CA ASN A 332 32.12 10.12 -32.69
C ASN A 332 31.77 11.53 -33.10
N ASP A 333 30.83 11.69 -34.04
CA ASP A 333 30.47 12.99 -34.58
C ASP A 333 29.89 13.97 -33.59
N TYR A 334 29.41 13.45 -32.44
CA TYR A 334 28.75 14.25 -31.43
C TYR A 334 29.46 14.12 -30.14
N PHE A 335 30.76 13.82 -30.16
CA PHE A 335 31.51 13.60 -28.94
C PHE A 335 31.32 14.63 -27.85
N GLU A 336 31.33 15.91 -28.24
CA GLU A 336 31.18 17.01 -27.28
C GLU A 336 29.85 17.01 -26.52
N TYR A 337 28.83 16.32 -27.06
CA TYR A 337 27.54 16.28 -26.36
C TYR A 337 27.64 15.41 -25.11
N PHE A 338 28.66 14.56 -24.99
CA PHE A 338 28.79 13.61 -23.89
C PHE A 338 29.72 14.04 -22.79
N GLY A 339 30.13 15.32 -22.82
CA GLY A 339 30.93 15.84 -21.74
C GLY A 339 30.06 16.00 -20.50
N PRO A 340 30.69 16.23 -19.35
CA PRO A 340 32.14 16.39 -19.15
C PRO A 340 32.91 15.10 -18.95
N ASP A 341 32.20 13.97 -18.85
CA ASP A 341 32.77 12.67 -18.56
C ASP A 341 33.12 11.79 -19.77
N PHE A 342 32.35 11.87 -20.84
CA PHE A 342 32.57 11.06 -22.04
C PHE A 342 32.52 9.56 -21.73
N LYS A 343 31.55 9.19 -20.88
CA LYS A 343 31.31 7.81 -20.52
C LYS A 343 29.93 7.43 -21.01
N LEU A 344 29.71 6.13 -21.17
CA LEU A 344 28.43 5.59 -21.63
C LEU A 344 27.40 5.58 -20.51
N HIS A 345 27.82 5.12 -19.32
CA HIS A 345 26.88 4.95 -18.22
C HIS A 345 26.69 6.18 -17.41
N ILE A 346 25.50 6.30 -16.81
CA ILE A 346 25.14 7.49 -16.08
C ILE A 346 24.89 7.19 -14.61
N SER A 347 24.99 8.22 -13.78
CA SER A 347 24.76 8.11 -12.35
C SER A 347 23.37 8.58 -12.02
N PRO A 348 22.69 7.94 -11.04
CA PRO A 348 21.37 8.43 -10.64
C PRO A 348 21.56 9.71 -9.83
N SER A 349 20.51 10.51 -9.72
CA SER A 349 20.55 11.75 -8.94
C SER A 349 20.21 11.41 -7.47
N ASN A 350 20.23 12.44 -6.61
CA ASN A 350 19.90 12.32 -5.18
C ASN A 350 18.39 12.48 -4.93
N MET A 351 17.55 12.53 -6.01
CA MET A 351 16.12 12.74 -5.82
C MET A 351 15.48 11.62 -4.97
N THR A 352 14.47 12.01 -4.17
CA THR A 352 13.79 11.06 -3.31
C THR A 352 12.95 10.11 -4.18
N ASN A 353 12.99 8.83 -3.83
CA ASN A 353 12.15 7.84 -4.49
C ASN A 353 10.85 7.82 -3.71
N GLN A 354 9.79 8.37 -4.29
CA GLN A 354 8.47 8.41 -3.65
CA GLN A 354 8.46 8.43 -3.66
C GLN A 354 7.74 7.08 -3.68
N ASN A 355 8.26 6.12 -4.45
CA ASN A 355 7.69 4.77 -4.55
C ASN A 355 8.30 3.95 -3.42
N THR A 356 7.62 3.92 -2.27
CA THR A 356 8.18 3.18 -1.17
C THR A 356 8.20 1.68 -1.50
N PRO A 357 9.04 0.89 -0.83
CA PRO A 357 9.02 -0.54 -1.11
C PRO A 357 7.66 -1.18 -0.85
N GLU A 358 6.90 -0.64 0.13
CA GLU A 358 5.58 -1.19 0.43
C GLU A 358 4.57 -0.85 -0.67
N TYR A 359 4.68 0.37 -1.23
CA TYR A 359 3.81 0.76 -2.34
C TYR A 359 4.09 -0.16 -3.54
N MET A 360 5.38 -0.38 -3.86
CA MET A 360 5.70 -1.23 -5.01
C MET A 360 5.18 -2.64 -4.85
N GLU A 361 5.34 -3.22 -3.66
CA GLU A 361 4.81 -4.57 -3.42
C GLU A 361 3.33 -4.64 -3.49
N LYS A 362 2.65 -3.58 -2.97
CA LYS A 362 1.21 -3.60 -2.98
C LYS A 362 0.63 -3.50 -4.39
N ILE A 363 1.22 -2.65 -5.24
CA ILE A 363 0.73 -2.56 -6.61
C ILE A 363 1.03 -3.87 -7.34
N LYS A 364 2.22 -4.43 -7.14
CA LYS A 364 2.56 -5.72 -7.77
C LYS A 364 1.54 -6.76 -7.36
N GLN A 365 1.16 -6.79 -6.08
CA GLN A 365 0.17 -7.77 -5.64
C GLN A 365 -1.20 -7.55 -6.28
N ARG A 366 -1.63 -6.28 -6.47
CA ARG A 366 -2.93 -6.05 -7.10
CA ARG A 366 -2.92 -5.97 -7.12
C ARG A 366 -2.86 -6.51 -8.57
N LEU A 367 -1.72 -6.31 -9.25
CA LEU A 367 -1.58 -6.79 -10.63
C LEU A 367 -1.55 -8.32 -10.68
N PHE A 368 -0.88 -8.96 -9.73
CA PHE A 368 -0.89 -10.43 -9.68
C PHE A 368 -2.33 -10.95 -9.51
N GLU A 369 -3.20 -10.27 -8.70
CA GLU A 369 -4.61 -10.69 -8.51
CA GLU A 369 -4.58 -10.73 -8.52
C GLU A 369 -5.32 -10.69 -9.87
N ASN A 370 -5.07 -9.63 -10.70
CA ASN A 370 -5.71 -9.53 -12.00
C ASN A 370 -5.17 -10.57 -12.95
N LEU A 371 -3.88 -10.89 -12.88
CA LEU A 371 -3.28 -11.90 -13.75
C LEU A 371 -3.83 -13.31 -13.43
N ARG A 372 -4.28 -13.54 -12.17
CA ARG A 372 -4.87 -14.84 -11.79
C ARG A 372 -6.19 -15.06 -12.51
N MET A 373 -6.81 -13.98 -13.03
CA MET A 373 -8.11 -13.99 -13.74
C MET A 373 -8.02 -14.41 -15.19
N LEU A 374 -6.81 -14.64 -15.71
CA LEU A 374 -6.64 -15.07 -17.10
CA LEU A 374 -6.59 -15.08 -17.10
C LEU A 374 -6.93 -16.57 -17.25
N PRO A 375 -7.41 -17.07 -18.44
CA PRO A 375 -7.72 -18.51 -18.56
C PRO A 375 -6.50 -19.43 -18.45
N LYS B 10 -31.04 10.46 6.33
CA LYS B 10 -30.47 11.75 6.72
C LYS B 10 -29.52 12.31 5.64
N LYS B 11 -29.83 13.51 5.13
CA LYS B 11 -29.11 14.22 4.08
C LYS B 11 -27.81 14.81 4.61
N VAL B 12 -26.70 14.65 3.84
CA VAL B 12 -25.40 15.18 4.21
C VAL B 12 -24.87 16.12 3.14
N CYS B 13 -24.52 17.33 3.55
CA CYS B 13 -23.88 18.27 2.68
C CYS B 13 -22.42 18.45 3.13
N TYR B 14 -21.53 18.67 2.21
CA TYR B 14 -20.10 18.66 2.49
C TYR B 14 -19.44 19.76 1.70
N TYR B 15 -18.60 20.56 2.37
CA TYR B 15 -17.94 21.71 1.76
C TYR B 15 -16.48 21.47 1.53
N TYR B 16 -16.00 21.78 0.32
CA TYR B 16 -14.60 21.63 -0.01
C TYR B 16 -14.24 22.54 -1.18
N ASP B 17 -13.10 23.24 -1.05
CA ASP B 17 -12.59 24.03 -2.15
C ASP B 17 -11.26 23.38 -2.53
N GLY B 18 -11.08 23.08 -3.82
CA GLY B 18 -9.86 22.45 -4.31
C GLY B 18 -8.56 23.20 -4.13
N ASP B 19 -8.64 24.50 -3.76
CA ASP B 19 -7.43 25.25 -3.52
C ASP B 19 -6.95 25.03 -2.08
N ILE B 20 -7.83 24.47 -1.20
CA ILE B 20 -7.50 24.44 0.22
C ILE B 20 -6.19 23.73 0.56
N GLY B 21 -5.89 22.66 -0.17
CA GLY B 21 -4.70 21.88 0.11
C GLY B 21 -3.40 22.52 -0.30
N ASN B 22 -3.49 23.65 -1.04
CA ASN B 22 -2.28 24.31 -1.50
C ASN B 22 -1.76 25.37 -0.54
N TYR B 23 -2.54 25.75 0.48
CA TYR B 23 -2.06 26.74 1.45
C TYR B 23 -1.02 26.07 2.32
N TYR B 24 0.09 26.75 2.52
CA TYR B 24 1.23 26.19 3.20
C TYR B 24 1.70 27.04 4.35
N TYR B 25 1.72 26.48 5.57
CA TYR B 25 2.13 27.21 6.74
C TYR B 25 3.65 27.42 6.83
N GLY B 26 4.42 26.72 6.01
CA GLY B 26 5.87 26.87 6.01
C GLY B 26 6.57 25.60 6.45
N GLN B 27 7.86 25.49 6.08
CA GLN B 27 8.67 24.32 6.38
C GLN B 27 8.70 24.03 7.87
N GLY B 28 8.39 22.77 8.20
CA GLY B 28 8.39 22.29 9.57
C GLY B 28 7.13 22.56 10.36
N HIS B 29 6.24 23.46 9.87
CA HIS B 29 5.03 23.77 10.64
C HIS B 29 4.11 22.52 10.63
N PRO B 30 3.62 22.07 11.80
CA PRO B 30 2.81 20.84 11.78
C PRO B 30 1.46 20.92 11.09
N MET B 31 0.88 22.12 10.92
CA MET B 31 -0.44 22.19 10.29
C MET B 31 -0.31 22.11 8.81
N LYS B 32 -0.98 21.12 8.19
CA LYS B 32 -0.84 20.83 6.77
C LYS B 32 -2.19 20.76 6.09
N PRO B 33 -2.65 21.87 5.48
CA PRO B 33 -3.95 21.85 4.80
C PRO B 33 -4.08 20.75 3.75
N HIS B 34 -2.96 20.23 3.23
CA HIS B 34 -3.00 19.12 2.27
C HIS B 34 -3.75 17.90 2.84
N ARG B 35 -3.81 17.76 4.18
CA ARG B 35 -4.56 16.62 4.74
C ARG B 35 -6.07 16.67 4.35
N ILE B 36 -6.58 17.88 4.09
CA ILE B 36 -7.98 18.02 3.70
C ILE B 36 -8.19 17.49 2.28
N ARG B 37 -7.22 17.76 1.41
CA ARG B 37 -7.23 17.25 0.04
C ARG B 37 -7.05 15.72 0.06
N MET B 38 -6.18 15.20 0.94
CA MET B 38 -6.06 13.74 1.03
C MET B 38 -7.39 13.11 1.46
N THR B 39 -8.09 13.73 2.44
CA THR B 39 -9.38 13.22 2.87
C THR B 39 -10.35 13.23 1.70
N HIS B 40 -10.41 14.38 0.98
CA HIS B 40 -11.33 14.48 -0.14
C HIS B 40 -11.06 13.41 -1.20
N ASN B 41 -9.79 13.18 -1.52
CA ASN B 41 -9.50 12.21 -2.56
C ASN B 41 -9.74 10.77 -2.09
N LEU B 42 -9.54 10.48 -0.82
CA LEU B 42 -9.81 9.15 -0.35
C LEU B 42 -11.34 8.89 -0.39
N LEU B 43 -12.16 9.91 -0.03
CA LEU B 43 -13.62 9.78 -0.14
C LEU B 43 -14.08 9.57 -1.56
N LEU B 44 -13.47 10.28 -2.50
CA LEU B 44 -13.84 10.07 -3.90
C LEU B 44 -13.59 8.64 -4.28
N ASN B 45 -12.39 8.10 -3.93
CA ASN B 45 -12.02 6.77 -4.34
C ASN B 45 -12.79 5.66 -3.63
N TYR B 46 -13.40 5.95 -2.49
CA TYR B 46 -14.28 5.01 -1.81
C TYR B 46 -15.69 5.05 -2.43
N GLY B 47 -15.96 5.99 -3.34
CA GLY B 47 -17.28 6.09 -3.98
C GLY B 47 -18.28 6.83 -3.14
N LEU B 48 -17.83 7.57 -2.11
CA LEU B 48 -18.72 8.24 -1.17
C LEU B 48 -19.37 9.54 -1.70
N TYR B 49 -18.93 10.07 -2.84
CA TYR B 49 -19.58 11.29 -3.36
C TYR B 49 -21.02 11.04 -3.82
N ARG B 50 -21.32 9.81 -4.27
CA ARG B 50 -22.65 9.46 -4.78
C ARG B 50 -23.79 9.81 -3.83
N LYS B 51 -23.55 9.66 -2.53
CA LYS B 51 -24.50 9.85 -1.48
C LYS B 51 -24.52 11.22 -0.83
N MET B 52 -23.62 12.11 -1.21
CA MET B 52 -23.69 13.40 -0.52
CA MET B 52 -23.58 13.40 -0.54
C MET B 52 -23.68 14.59 -1.50
N GLU B 53 -24.12 15.73 -0.98
CA GLU B 53 -24.20 16.96 -1.74
C GLU B 53 -22.89 17.67 -1.47
N ILE B 54 -22.07 17.84 -2.49
CA ILE B 54 -20.77 18.46 -2.38
C ILE B 54 -20.84 19.86 -2.92
N TYR B 55 -20.39 20.82 -2.12
CA TYR B 55 -20.38 22.23 -2.50
C TYR B 55 -19.02 22.84 -2.33
N ARG B 56 -18.71 23.85 -3.13
CA ARG B 56 -17.52 24.65 -2.97
C ARG B 56 -18.00 25.82 -2.08
N PRO B 57 -17.29 26.12 -0.99
CA PRO B 57 -17.71 27.23 -0.13
C PRO B 57 -17.44 28.56 -0.81
N HIS B 58 -18.20 29.58 -0.42
CA HIS B 58 -17.86 30.92 -0.87
C HIS B 58 -16.69 31.38 0.01
N LYS B 59 -16.02 32.45 -0.39
CA LYS B 59 -15.00 33.09 0.43
C LYS B 59 -15.73 34.02 1.42
N ALA B 60 -15.72 33.69 2.71
CA ALA B 60 -16.40 34.52 3.69
C ALA B 60 -15.85 35.95 3.65
N THR B 61 -16.78 36.89 3.72
CA THR B 61 -16.37 38.29 3.63
C THR B 61 -15.90 38.85 4.95
N ALA B 62 -15.23 40.01 4.91
CA ALA B 62 -14.80 40.70 6.14
C ALA B 62 -16.05 41.02 7.00
N GLU B 63 -17.19 41.37 6.38
CA GLU B 63 -18.45 41.65 7.07
C GLU B 63 -18.94 40.40 7.81
N GLU B 64 -18.83 39.23 7.17
CA GLU B 64 -19.23 37.99 7.84
C GLU B 64 -18.28 37.71 9.02
N MET B 65 -16.98 37.94 8.86
CA MET B 65 -16.02 37.67 9.94
C MET B 65 -16.13 38.61 11.13
N THR B 66 -16.56 39.87 10.87
CA THR B 66 -16.68 40.85 11.96
C THR B 66 -17.97 40.69 12.76
N LYS B 67 -18.78 39.66 12.47
CA LYS B 67 -19.92 39.33 13.30
C LYS B 67 -19.38 38.87 14.66
N TYR B 68 -18.11 38.44 14.70
CA TYR B 68 -17.41 38.08 15.92
C TYR B 68 -16.12 38.87 16.07
N HIS B 69 -15.21 38.78 15.13
CA HIS B 69 -13.90 39.39 15.22
C HIS B 69 -13.93 40.92 15.11
N SER B 70 -12.91 41.57 15.72
CA SER B 70 -12.85 43.04 15.61
C SER B 70 -12.50 43.44 14.20
N ASP B 71 -13.00 44.61 13.80
CA ASP B 71 -12.76 45.15 12.47
C ASP B 71 -11.26 45.36 12.26
N GLU B 72 -10.54 45.78 13.31
CA GLU B 72 -9.10 46.01 13.21
C GLU B 72 -8.32 44.72 12.93
N TYR B 73 -8.68 43.64 13.64
CA TYR B 73 -8.02 42.36 13.45
C TYR B 73 -8.27 41.78 12.03
N ILE B 74 -9.51 41.85 11.56
CA ILE B 74 -9.85 41.37 10.21
C ILE B 74 -9.13 42.21 9.14
N LYS B 75 -9.09 43.55 9.32
CA LYS B 75 -8.38 44.39 8.35
C LYS B 75 -6.91 43.99 8.29
N PHE B 76 -6.28 43.70 9.45
CA PHE B 76 -4.90 43.26 9.51
C PHE B 76 -4.71 41.91 8.72
N LEU B 77 -5.60 40.93 8.98
CA LEU B 77 -5.47 39.66 8.26
C LEU B 77 -5.62 39.84 6.75
N ARG B 78 -6.48 40.77 6.34
CA ARG B 78 -6.73 41.02 4.90
C ARG B 78 -5.58 41.79 4.24
N SER B 79 -4.74 42.45 5.06
CA SER B 79 -3.63 43.27 4.55
C SER B 79 -2.26 42.65 4.62
N ILE B 80 -1.98 41.81 5.63
CA ILE B 80 -0.66 41.26 5.88
C ILE B 80 -0.23 40.22 4.86
N ARG B 81 1.00 40.33 4.39
CA ARG B 81 1.56 39.41 3.41
C ARG B 81 3.03 39.20 3.72
N PRO B 82 3.66 38.09 3.26
CA PRO B 82 5.09 37.90 3.51
C PRO B 82 5.94 39.09 3.02
N ASP B 83 5.54 39.76 1.91
CA ASP B 83 6.32 40.87 1.34
C ASP B 83 6.11 42.23 1.99
N ASN B 84 5.18 42.36 2.97
CA ASN B 84 4.97 43.65 3.64
C ASN B 84 5.08 43.54 5.17
N MET B 85 5.45 42.33 5.67
CA MET B 85 5.63 41.99 7.09
C MET B 85 6.48 42.97 7.87
N SER B 86 7.55 43.50 7.23
CA SER B 86 8.47 44.47 7.84
C SER B 86 7.76 45.76 8.27
N GLU B 87 6.60 46.09 7.66
CA GLU B 87 5.83 47.30 7.98
C GLU B 87 4.78 47.05 9.07
N TYR B 88 4.61 45.79 9.52
CA TYR B 88 3.56 45.43 10.47
C TYR B 88 4.06 44.82 11.79
N SER B 89 5.29 45.13 12.23
CA SER B 89 5.78 44.57 13.51
C SER B 89 4.85 44.79 14.71
N LYS B 90 4.30 46.01 14.89
CA LYS B 90 3.39 46.31 16.02
C LYS B 90 2.13 45.46 15.98
N GLN B 91 1.45 45.42 14.82
CA GLN B 91 0.22 44.65 14.72
C GLN B 91 0.46 43.14 14.80
N MET B 92 1.59 42.65 14.26
CA MET B 92 1.89 41.21 14.36
C MET B 92 2.02 40.80 15.83
N GLN B 93 2.63 41.69 16.64
CA GLN B 93 2.77 41.46 18.07
C GLN B 93 1.40 41.51 18.76
N ARG B 94 0.59 42.55 18.48
CA ARG B 94 -0.72 42.70 19.10
C ARG B 94 -1.64 41.51 18.77
N PHE B 95 -1.56 41.05 17.51
CA PHE B 95 -2.46 39.99 17.02
C PHE B 95 -1.89 38.57 17.11
N ASN B 96 -0.72 38.38 17.74
CA ASN B 96 -0.09 37.09 17.99
C ASN B 96 0.23 36.29 16.73
N VAL B 97 0.68 36.99 15.69
CA VAL B 97 1.11 36.35 14.46
C VAL B 97 2.62 36.13 14.68
N GLY B 98 3.02 34.88 14.66
CA GLY B 98 4.40 34.47 14.90
C GLY B 98 4.63 33.02 14.53
N GLU B 99 5.39 32.27 15.34
CA GLU B 99 5.73 30.90 15.02
C GLU B 99 4.52 30.01 14.86
N ASP B 100 3.62 29.99 15.84
CA ASP B 100 2.44 29.12 15.71
C ASP B 100 1.50 29.59 14.62
N CYS B 101 1.34 30.92 14.45
CA CYS B 101 0.39 31.52 13.50
C CYS B 101 1.19 32.39 12.56
N PRO B 102 1.87 31.78 11.59
CA PRO B 102 2.74 32.57 10.70
C PRO B 102 1.98 33.30 9.61
N VAL B 103 2.69 34.22 8.95
CA VAL B 103 2.14 34.89 7.79
C VAL B 103 2.57 33.99 6.62
N PHE B 104 1.61 33.55 5.81
CA PHE B 104 1.92 32.76 4.64
C PHE B 104 1.13 33.30 3.46
N ASP B 105 1.57 32.98 2.23
CA ASP B 105 0.90 33.46 1.03
C ASP B 105 -0.54 32.93 1.02
N GLY B 106 -1.50 33.82 0.81
CA GLY B 106 -2.90 33.44 0.72
C GLY B 106 -3.56 33.19 2.06
N LEU B 107 -2.92 33.60 3.16
CA LEU B 107 -3.48 33.45 4.51
C LEU B 107 -4.95 33.89 4.56
N PHE B 108 -5.28 35.10 4.07
CA PHE B 108 -6.64 35.55 4.18
C PHE B 108 -7.59 34.66 3.40
N GLU B 109 -7.20 34.24 2.17
CA GLU B 109 -8.09 33.38 1.39
C GLU B 109 -8.31 32.03 2.09
N PHE B 110 -7.27 31.49 2.72
CA PHE B 110 -7.41 30.24 3.48
C PHE B 110 -8.46 30.45 4.57
N CYS B 111 -8.37 31.56 5.31
CA CYS B 111 -9.35 31.88 6.35
C CYS B 111 -10.74 32.00 5.76
N GLN B 112 -10.86 32.67 4.60
CA GLN B 112 -12.16 32.87 3.98
C GLN B 112 -12.82 31.55 3.58
N LEU B 113 -12.02 30.62 3.06
CA LEU B 113 -12.58 29.33 2.62
C LEU B 113 -12.87 28.42 3.77
N SER B 114 -12.01 28.41 4.79
CA SER B 114 -12.25 27.61 5.99
C SER B 114 -13.55 28.10 6.65
N THR B 115 -13.67 29.44 6.81
CA THR B 115 -14.85 30.03 7.41
C THR B 115 -16.09 29.86 6.52
N GLY B 116 -15.94 30.09 5.22
CA GLY B 116 -17.10 29.99 4.32
C GLY B 116 -17.80 28.66 4.40
N GLY B 117 -17.04 27.57 4.52
CA GLY B 117 -17.68 26.25 4.62
C GLY B 117 -18.48 26.09 5.90
N SER B 118 -17.98 26.63 7.02
CA SER B 118 -18.69 26.46 8.29
C SER B 118 -19.98 27.27 8.35
N VAL B 119 -19.89 28.54 7.90
CA VAL B 119 -21.04 29.43 7.88
CA VAL B 119 -21.08 29.37 7.94
C VAL B 119 -22.07 28.93 6.86
N ALA B 120 -21.60 28.47 5.67
CA ALA B 120 -22.54 27.98 4.67
C ALA B 120 -23.26 26.73 5.18
N GLY B 121 -22.54 25.85 5.88
CA GLY B 121 -23.18 24.68 6.45
C GLY B 121 -24.22 25.04 7.49
N ALA B 122 -23.91 26.05 8.33
CA ALA B 122 -24.86 26.49 9.35
C ALA B 122 -26.12 27.06 8.68
N VAL B 123 -25.96 27.80 7.57
CA VAL B 123 -27.15 28.34 6.85
C VAL B 123 -27.97 27.18 6.30
N LYS B 124 -27.32 26.18 5.70
CA LYS B 124 -28.06 25.02 5.18
C LYS B 124 -28.85 24.33 6.27
N LEU B 125 -28.26 24.21 7.49
CA LEU B 125 -28.97 23.59 8.59
C LEU B 125 -30.14 24.48 9.03
N ASN B 126 -29.93 25.81 9.11
CA ASN B 126 -31.00 26.75 9.51
C ASN B 126 -32.17 26.68 8.53
N ARG B 127 -31.87 26.54 7.26
CA ARG B 127 -32.92 26.49 6.20
C ARG B 127 -33.57 25.11 6.10
N GLN B 128 -33.13 24.15 6.94
CA GLN B 128 -33.64 22.78 6.95
C GLN B 128 -33.46 22.12 5.60
N GLN B 129 -32.36 22.44 4.93
CA GLN B 129 -32.03 21.87 3.61
C GLN B 129 -31.12 20.65 3.73
N THR B 130 -30.65 20.36 4.96
CA THR B 130 -29.81 19.21 5.25
C THR B 130 -29.95 18.87 6.72
N ASP B 131 -29.62 17.64 7.06
CA ASP B 131 -29.62 17.17 8.44
C ASP B 131 -28.19 17.29 9.02
N MET B 132 -27.18 17.17 8.14
CA MET B 132 -25.77 17.25 8.56
C MET B 132 -25.02 18.03 7.56
N ALA B 133 -24.12 18.87 8.02
CA ALA B 133 -23.24 19.65 7.15
C ALA B 133 -21.82 19.34 7.63
N VAL B 134 -20.88 19.14 6.70
CA VAL B 134 -19.51 18.81 7.02
C VAL B 134 -18.55 19.82 6.42
N ASN B 135 -17.60 20.31 7.23
CA ASN B 135 -16.55 21.18 6.72
C ASN B 135 -15.24 20.77 7.36
N TRP B 136 -14.47 19.90 6.69
CA TRP B 136 -13.21 19.45 7.29
C TRP B 136 -12.16 20.54 7.36
N ALA B 137 -12.30 21.62 6.57
CA ALA B 137 -11.34 22.73 6.62
C ALA B 137 -11.63 23.69 7.78
N GLY B 138 -12.72 23.47 8.51
CA GLY B 138 -13.09 24.29 9.66
C GLY B 138 -12.66 23.69 10.99
N GLY B 139 -13.23 24.17 12.07
CA GLY B 139 -12.90 23.70 13.40
C GLY B 139 -11.71 24.40 14.04
N LEU B 140 -11.41 25.64 13.63
CA LEU B 140 -10.21 26.36 14.12
C LEU B 140 -10.53 27.08 15.43
N HIS B 141 -10.64 26.25 16.48
CA HIS B 141 -11.21 26.63 17.75
C HIS B 141 -10.44 27.56 18.67
N HIS B 142 -9.18 27.87 18.38
CA HIS B 142 -8.40 28.73 19.25
C HIS B 142 -8.50 30.20 18.93
N ALA B 143 -8.90 30.55 17.71
CA ALA B 143 -8.90 31.98 17.33
C ALA B 143 -9.77 32.81 18.26
N LYS B 144 -9.25 34.00 18.62
CA LYS B 144 -9.91 34.90 19.56
C LYS B 144 -10.49 36.10 18.83
N LYS B 145 -11.34 36.90 19.52
CA LYS B 145 -11.95 38.06 18.90
C LYS B 145 -10.94 38.95 18.16
N SER B 146 -9.78 39.24 18.79
CA SER B 146 -8.76 40.11 18.23
CA SER B 146 -8.80 40.10 18.14
C SER B 146 -7.38 39.54 18.20
N GLU B 147 -7.24 38.22 18.07
CA GLU B 147 -5.91 37.66 18.01
C GLU B 147 -5.91 36.22 17.49
N ALA B 148 -4.83 35.90 16.80
CA ALA B 148 -4.66 34.54 16.28
C ALA B 148 -4.11 33.68 17.42
N SER B 149 -4.32 32.37 17.35
CA SER B 149 -3.77 31.48 18.38
C SER B 149 -3.77 30.06 17.90
N GLY B 150 -2.73 29.31 18.23
CA GLY B 150 -2.70 27.87 18.00
C GLY B 150 -3.09 27.44 16.61
N PHE B 151 -2.46 28.06 15.61
CA PHE B 151 -2.62 27.76 14.18
C PHE B 151 -3.95 28.24 13.63
N CYS B 152 -4.74 28.95 14.43
CA CYS B 152 -6.08 29.41 14.07
C CYS B 152 -6.09 30.92 13.92
N TYR B 153 -6.73 31.45 12.87
CA TYR B 153 -6.75 32.92 12.71
C TYR B 153 -8.14 33.46 12.83
N VAL B 154 -9.13 32.80 12.18
CA VAL B 154 -10.53 33.17 12.19
C VAL B 154 -11.31 32.04 12.81
N ASN B 155 -12.12 32.34 13.83
CA ASN B 155 -12.85 31.30 14.51
C ASN B 155 -14.11 31.00 13.74
N ASP B 156 -13.97 30.07 12.78
CA ASP B 156 -15.11 29.69 11.95
C ASP B 156 -16.22 29.06 12.78
N ILE B 157 -15.85 28.43 13.93
CA ILE B 157 -16.83 27.78 14.76
C ILE B 157 -17.74 28.80 15.42
N VAL B 158 -17.13 29.84 16.02
CA VAL B 158 -17.93 30.87 16.67
C VAL B 158 -18.84 31.51 15.63
N LEU B 159 -18.33 31.78 14.42
CA LEU B 159 -19.17 32.38 13.38
C LEU B 159 -20.30 31.47 12.98
N ALA B 160 -20.07 30.14 12.86
CA ALA B 160 -21.13 29.22 12.54
C ALA B 160 -22.15 29.14 13.65
N ILE B 161 -21.70 29.19 14.93
CA ILE B 161 -22.65 29.13 16.03
C ILE B 161 -23.50 30.40 16.07
N LEU B 162 -22.91 31.56 15.82
CA LEU B 162 -23.73 32.79 15.77
C LEU B 162 -24.78 32.64 14.67
N GLU B 163 -24.44 32.01 13.53
CA GLU B 163 -25.42 31.80 12.47
CA GLU B 163 -25.41 31.80 12.47
C GLU B 163 -26.53 30.86 12.97
N LEU B 164 -26.17 29.74 13.62
CA LEU B 164 -27.18 28.84 14.14
C LEU B 164 -28.08 29.53 15.17
N LEU B 165 -27.51 30.42 15.98
CA LEU B 165 -28.26 31.17 17.00
C LEU B 165 -29.38 32.05 16.42
N LYS B 166 -29.35 32.29 15.09
CA LYS B 166 -30.46 33.07 14.49
C LYS B 166 -31.75 32.25 14.52
N TYR B 167 -31.66 30.93 14.44
CA TYR B 167 -32.79 30.04 14.36
C TYR B 167 -32.97 29.13 15.57
N HIS B 168 -31.89 28.97 16.37
CA HIS B 168 -31.89 28.02 17.49
C HIS B 168 -31.67 28.67 18.80
N GLN B 169 -32.61 28.46 19.77
CA GLN B 169 -32.49 29.07 21.08
C GLN B 169 -31.24 28.56 21.83
N ARG B 170 -31.00 27.25 21.75
CA ARG B 170 -29.89 26.59 22.45
C ARG B 170 -29.08 25.77 21.47
N VAL B 171 -27.77 26.04 21.44
CA VAL B 171 -26.84 25.31 20.58
C VAL B 171 -25.81 24.59 21.45
N LEU B 172 -25.56 23.31 21.14
CA LEU B 172 -24.56 22.53 21.87
C LEU B 172 -23.29 22.41 21.01
N TYR B 173 -22.15 22.75 21.61
CA TYR B 173 -20.84 22.61 20.96
C TYR B 173 -20.08 21.51 21.68
N ILE B 174 -19.58 20.51 20.94
CA ILE B 174 -18.82 19.38 21.52
C ILE B 174 -17.45 19.39 20.79
N ASP B 175 -16.37 19.25 21.55
CA ASP B 175 -15.04 19.34 20.96
C ASP B 175 -14.19 18.16 21.41
N ILE B 176 -13.79 17.31 20.45
CA ILE B 176 -13.01 16.09 20.75
C ILE B 176 -11.56 16.20 20.25
N ASP B 177 -11.16 17.41 19.85
CA ASP B 177 -9.74 17.68 19.56
C ASP B 177 -8.95 17.39 20.89
N ILE B 178 -7.68 17.03 20.81
CA ILE B 178 -6.96 16.82 22.06
C ILE B 178 -6.71 18.14 22.81
N HIS B 179 -6.77 19.30 22.11
CA HIS B 179 -6.53 20.58 22.78
C HIS B 179 -7.84 21.19 23.21
N HIS B 180 -7.85 21.89 24.39
CA HIS B 180 -9.06 22.55 24.85
C HIS B 180 -9.60 23.56 23.78
N GLY B 181 -10.93 23.59 23.58
CA GLY B 181 -11.56 24.53 22.65
C GLY B 181 -11.78 25.86 23.33
N ASP B 182 -10.68 26.55 23.64
CA ASP B 182 -10.70 27.79 24.39
C ASP B 182 -11.35 28.95 23.68
N GLY B 183 -11.10 29.15 22.38
CA GLY B 183 -11.69 30.30 21.69
C GLY B 183 -13.20 30.26 21.69
N VAL B 184 -13.76 29.06 21.50
CA VAL B 184 -15.21 28.87 21.45
C VAL B 184 -15.77 29.01 22.87
N GLU B 185 -15.11 28.38 23.87
CA GLU B 185 -15.56 28.49 25.23
C GLU B 185 -15.60 29.96 25.68
N GLU B 186 -14.53 30.70 25.39
CA GLU B 186 -14.45 32.13 25.77
C GLU B 186 -15.52 32.98 25.10
N ALA B 187 -15.77 32.77 23.80
CA ALA B 187 -16.77 33.55 23.10
C ALA B 187 -18.14 33.47 23.74
N PHE B 188 -18.50 32.31 24.31
CA PHE B 188 -19.83 32.11 24.85
C PHE B 188 -19.89 31.89 26.37
N TYR B 189 -18.80 32.22 27.05
CA TYR B 189 -18.64 31.93 28.46
C TYR B 189 -19.73 32.48 29.36
N THR B 190 -20.32 33.62 28.98
CA THR B 190 -21.33 34.27 29.82
C THR B 190 -22.77 34.13 29.30
N THR B 191 -23.02 33.22 28.35
CA THR B 191 -24.36 33.01 27.84
C THR B 191 -24.82 31.57 28.08
N ASP B 192 -26.13 31.37 28.23
CA ASP B 192 -26.73 30.07 28.37
C ASP B 192 -27.27 29.59 27.02
N ARG B 193 -27.09 30.39 25.96
CA ARG B 193 -27.63 29.99 24.65
C ARG B 193 -26.70 29.05 23.89
N VAL B 194 -25.49 28.84 24.43
CA VAL B 194 -24.53 27.89 23.87
C VAL B 194 -23.99 27.12 25.07
N MET B 195 -23.97 25.79 24.97
CA MET B 195 -23.29 24.99 25.98
C MET B 195 -22.02 24.47 25.27
N THR B 196 -20.84 24.67 25.87
CA THR B 196 -19.59 24.19 25.26
C THR B 196 -19.08 23.02 26.09
N VAL B 197 -18.78 21.88 25.44
CA VAL B 197 -18.31 20.67 26.11
C VAL B 197 -17.00 20.25 25.46
N SER B 198 -15.88 20.26 26.22
CA SER B 198 -14.59 19.92 25.65
C SER B 198 -13.97 18.78 26.43
N PHE B 199 -13.44 17.79 25.71
CA PHE B 199 -12.67 16.66 26.25
C PHE B 199 -11.26 16.89 25.75
N HIS B 200 -10.27 16.99 26.63
CA HIS B 200 -8.92 17.33 26.15
C HIS B 200 -7.86 16.98 27.14
N LYS B 201 -6.64 16.97 26.65
CA LYS B 201 -5.50 16.74 27.55
CA LYS B 201 -5.49 16.74 27.53
C LYS B 201 -5.32 18.00 28.35
N TYR B 202 -5.09 17.83 29.66
CA TYR B 202 -4.91 19.00 30.51
C TYR B 202 -3.70 18.75 31.41
N GLY B 203 -2.82 19.74 31.49
CA GLY B 203 -1.59 19.65 32.30
C GLY B 203 -0.38 19.73 31.42
N GLU B 204 0.39 20.84 31.54
CA GLU B 204 1.60 21.12 30.74
C GLU B 204 1.31 20.86 29.25
N TYR B 205 0.23 21.51 28.77
CA TYR B 205 -0.21 21.30 27.40
C TYR B 205 -1.00 22.48 26.94
N PHE B 206 -0.77 22.88 25.70
CA PHE B 206 -1.45 24.03 25.13
C PHE B 206 -2.98 23.79 25.10
N PRO B 207 -3.80 24.83 25.34
CA PRO B 207 -3.49 26.22 25.66
C PRO B 207 -3.37 26.52 27.17
N GLY B 208 -3.47 25.49 28.01
CA GLY B 208 -3.35 25.67 29.47
C GLY B 208 -4.66 25.96 30.16
N THR B 209 -5.76 25.92 29.41
CA THR B 209 -7.10 26.21 29.89
C THR B 209 -7.98 24.97 29.89
N GLY B 210 -9.20 25.09 30.35
CA GLY B 210 -10.09 23.95 30.37
C GLY B 210 -9.96 23.10 31.61
N ASP B 211 -9.80 23.75 32.75
CA ASP B 211 -9.78 23.03 34.00
C ASP B 211 -11.22 22.57 34.29
N LEU B 212 -11.36 21.50 35.08
CA LEU B 212 -12.63 20.94 35.53
C LEU B 212 -13.50 22.06 36.18
N ARG B 213 -12.84 23.02 36.84
CA ARG B 213 -13.51 24.10 37.56
C ARG B 213 -13.93 25.28 36.71
N ASP B 214 -13.63 25.24 35.42
CA ASP B 214 -14.05 26.28 34.50
C ASP B 214 -15.41 25.86 34.00
N ILE B 215 -16.46 26.45 34.60
CA ILE B 215 -17.84 26.06 34.34
C ILE B 215 -18.70 27.16 33.76
N GLY B 216 -18.12 28.31 33.46
CA GLY B 216 -18.89 29.44 32.93
C GLY B 216 -19.06 30.53 33.98
N ALA B 217 -19.54 31.71 33.56
CA ALA B 217 -19.75 32.84 34.46
C ALA B 217 -21.06 33.55 34.16
N GLY B 218 -21.61 34.25 35.16
CA GLY B 218 -22.87 34.96 34.98
C GLY B 218 -24.00 34.03 34.54
N LYS B 219 -24.78 34.45 33.50
CA LYS B 219 -25.87 33.63 32.96
C LYS B 219 -25.31 32.33 32.35
N GLY B 220 -24.01 32.33 32.04
CA GLY B 220 -23.33 31.15 31.51
C GLY B 220 -22.86 30.15 32.56
N LYS B 221 -23.06 30.43 33.87
CA LYS B 221 -22.60 29.47 34.87
C LYS B 221 -23.29 28.12 34.68
N TYR B 222 -22.48 27.02 34.58
CA TYR B 222 -22.92 25.65 34.35
C TYR B 222 -23.09 25.32 32.83
N TYR B 223 -22.83 26.31 31.96
CA TYR B 223 -22.97 26.10 30.51
C TYR B 223 -21.64 25.89 29.80
N ALA B 224 -20.55 25.70 30.56
CA ALA B 224 -19.24 25.33 30.00
C ALA B 224 -18.85 24.08 30.78
N VAL B 225 -18.48 22.99 30.07
CA VAL B 225 -18.13 21.70 30.63
C VAL B 225 -16.77 21.33 30.08
N ASN B 226 -15.86 20.93 30.96
CA ASN B 226 -14.51 20.56 30.61
C ASN B 226 -14.16 19.27 31.26
N PHE B 227 -13.71 18.30 30.45
CA PHE B 227 -13.28 17.00 30.96
C PHE B 227 -11.76 16.91 30.73
N PRO B 228 -10.94 17.22 31.75
CA PRO B 228 -9.49 17.19 31.59
C PRO B 228 -8.97 15.77 31.70
N MET B 229 -8.12 15.36 30.75
N MET B 229 -8.12 15.40 30.74
CA MET B 229 -7.58 14.02 30.79
CA MET B 229 -7.56 14.06 30.60
C MET B 229 -6.08 14.05 30.79
C MET B 229 -6.04 14.03 30.60
N ARG B 230 -5.48 12.87 31.00
CA ARG B 230 -4.06 12.64 31.01
C ARG B 230 -3.71 11.82 29.76
N ASP B 231 -2.42 11.62 29.54
CA ASP B 231 -1.99 10.87 28.37
C ASP B 231 -2.55 9.47 28.31
N GLY B 232 -2.68 8.95 27.07
CA GLY B 232 -2.96 7.55 26.90
C GLY B 232 -4.37 7.06 26.95
N ILE B 233 -5.36 7.97 26.96
N ILE B 233 -5.35 7.97 26.98
CA ILE B 233 -6.73 7.51 26.96
CA ILE B 233 -6.73 7.50 26.98
C ILE B 233 -6.99 6.63 25.73
C ILE B 233 -6.98 6.63 25.74
N ASP B 234 -7.74 5.55 25.92
CA ASP B 234 -8.02 4.60 24.86
C ASP B 234 -9.49 4.58 24.50
N ASP B 235 -9.84 3.77 23.48
CA ASP B 235 -11.21 3.73 22.98
C ASP B 235 -12.23 3.42 24.06
N GLU B 236 -11.94 2.37 24.83
CA GLU B 236 -12.89 1.92 25.84
C GLU B 236 -13.12 2.97 26.90
N SER B 237 -12.02 3.54 27.43
CA SER B 237 -12.10 4.55 28.47
CA SER B 237 -12.16 4.53 28.48
C SER B 237 -12.79 5.82 27.99
N TYR B 238 -12.44 6.27 26.76
CA TYR B 238 -13.05 7.48 26.26
C TYR B 238 -14.54 7.26 26.00
N GLY B 239 -14.88 6.11 25.41
CA GLY B 239 -16.27 5.84 25.07
C GLY B 239 -17.17 5.78 26.28
N GLN B 240 -16.62 5.22 27.39
CA GLN B 240 -17.34 5.05 28.66
C GLN B 240 -17.66 6.35 29.33
N ILE B 241 -16.94 7.43 29.02
CA ILE B 241 -17.32 8.72 29.59
C ILE B 241 -18.03 9.62 28.56
N PHE B 242 -17.73 9.47 27.26
CA PHE B 242 -18.35 10.35 26.28
C PHE B 242 -19.85 10.14 26.20
N LYS B 243 -20.30 8.89 26.04
CA LYS B 243 -21.73 8.66 25.90
C LYS B 243 -22.53 9.08 27.15
N PRO B 244 -22.14 8.74 28.39
CA PRO B 244 -22.95 9.21 29.53
C PRO B 244 -22.94 10.72 29.68
N ILE B 245 -21.79 11.38 29.44
CA ILE B 245 -21.76 12.84 29.60
C ILE B 245 -22.62 13.53 28.53
N ILE B 246 -22.46 13.13 27.27
CA ILE B 246 -23.27 13.76 26.23
C ILE B 246 -24.74 13.43 26.42
N SER B 247 -25.07 12.23 26.91
CA SER B 247 -26.50 11.91 27.12
C SER B 247 -27.09 12.78 28.22
N LYS B 248 -26.32 13.03 29.30
CA LYS B 248 -26.82 13.89 30.37
C LYS B 248 -26.97 15.33 29.89
N VAL B 249 -25.98 15.83 29.10
CA VAL B 249 -26.03 17.18 28.54
C VAL B 249 -27.27 17.31 27.66
N MET B 250 -27.54 16.31 26.81
CA MET B 250 -28.73 16.35 25.92
C MET B 250 -30.01 16.39 26.75
N GLU B 251 -30.08 15.55 27.80
CA GLU B 251 -31.25 15.50 28.71
C GLU B 251 -31.50 16.83 29.41
N MET B 252 -30.46 17.44 29.97
CA MET B 252 -30.58 18.69 30.73
C MET B 252 -30.72 19.94 29.89
N TYR B 253 -29.91 20.04 28.84
CA TYR B 253 -29.85 21.22 28.02
C TYR B 253 -30.85 21.26 26.86
N GLN B 254 -31.21 20.10 26.29
CA GLN B 254 -32.18 20.00 25.18
C GLN B 254 -31.84 21.02 24.05
N PRO B 255 -30.63 20.93 23.50
CA PRO B 255 -30.27 21.85 22.40
C PRO B 255 -31.08 21.54 21.13
N SER B 256 -31.21 22.52 20.24
CA SER B 256 -31.93 22.19 19.00
C SER B 256 -30.97 22.07 17.80
N ALA B 257 -29.66 22.31 18.03
CA ALA B 257 -28.65 22.12 16.99
C ALA B 257 -27.34 21.81 17.69
N VAL B 258 -26.47 21.10 16.97
CA VAL B 258 -25.19 20.68 17.56
C VAL B 258 -24.05 20.96 16.59
N VAL B 259 -22.92 21.40 17.14
CA VAL B 259 -21.67 21.58 16.37
C VAL B 259 -20.65 20.63 17.02
N LEU B 260 -20.05 19.76 16.21
CA LEU B 260 -19.07 18.79 16.70
C LEU B 260 -17.74 19.04 16.02
N GLN B 261 -16.74 19.45 16.83
CA GLN B 261 -15.39 19.67 16.31
C GLN B 261 -14.68 18.31 16.45
N CYS B 262 -14.20 17.76 15.32
CA CYS B 262 -13.63 16.41 15.22
C CYS B 262 -12.13 16.41 15.07
N GLY B 263 -11.43 17.29 15.77
CA GLY B 263 -9.95 17.33 15.67
C GLY B 263 -9.39 15.94 15.83
N ALA B 264 -8.54 15.51 14.89
CA ALA B 264 -8.00 14.15 14.82
C ALA B 264 -6.66 13.96 15.54
N ASP B 265 -6.22 14.96 16.28
CA ASP B 265 -5.01 14.87 17.07
C ASP B 265 -5.22 14.09 18.35
N SER B 266 -6.45 13.62 18.62
CA SER B 266 -6.74 12.75 19.75
C SER B 266 -6.50 11.26 19.34
N LEU B 267 -6.03 11.01 18.11
CA LEU B 267 -5.74 9.66 17.66
C LEU B 267 -4.35 9.20 18.10
N SER B 268 -4.25 7.91 18.33
CA SER B 268 -2.97 7.28 18.61
C SER B 268 -1.99 7.62 17.49
N GLY B 269 -0.76 7.90 17.87
CA GLY B 269 0.29 8.19 16.91
C GLY B 269 0.31 9.59 16.37
N ASP B 270 -0.50 10.49 16.93
CA ASP B 270 -0.46 11.85 16.40
C ASP B 270 0.88 12.53 16.70
N ARG B 271 1.38 13.36 15.78
CA ARG B 271 2.66 14.04 15.98
C ARG B 271 2.68 14.97 17.18
N LEU B 272 1.56 15.61 17.51
N LEU B 272 1.55 15.63 17.48
CA LEU B 272 1.52 16.51 18.66
CA LEU B 272 1.44 16.56 18.60
C LEU B 272 0.77 15.92 19.84
C LEU B 272 0.66 16.03 19.79
N GLY B 273 -0.16 15.01 19.57
CA GLY B 273 -1.02 14.43 20.59
C GLY B 273 -0.42 13.27 21.33
N CYS B 274 -1.02 12.98 22.49
CA CYS B 274 -0.58 11.99 23.42
C CYS B 274 -1.71 11.07 23.86
N PHE B 275 -2.79 10.96 23.07
CA PHE B 275 -3.86 10.02 23.36
C PHE B 275 -3.67 8.74 22.54
N ASN B 276 -4.54 7.74 22.78
CA ASN B 276 -4.40 6.45 22.16
C ASN B 276 -5.70 5.93 21.56
N LEU B 277 -6.49 6.83 20.91
CA LEU B 277 -7.72 6.40 20.27
C LEU B 277 -7.48 5.87 18.89
N THR B 278 -8.35 4.94 18.47
CA THR B 278 -8.30 4.49 17.09
C THR B 278 -9.30 5.36 16.31
N VAL B 279 -9.34 5.14 14.99
CA VAL B 279 -10.34 5.82 14.17
C VAL B 279 -11.74 5.37 14.56
N LYS B 280 -11.92 4.08 14.91
CA LYS B 280 -13.23 3.63 15.38
C LYS B 280 -13.62 4.30 16.70
N GLY B 281 -12.64 4.47 17.61
CA GLY B 281 -12.94 5.11 18.89
C GLY B 281 -13.29 6.59 18.77
N HIS B 282 -12.62 7.27 17.85
CA HIS B 282 -12.90 8.67 17.62
C HIS B 282 -14.29 8.81 16.95
N ALA B 283 -14.55 7.96 15.93
CA ALA B 283 -15.81 8.01 15.20
C ALA B 283 -17.00 7.59 16.03
N LYS B 284 -16.80 6.86 17.10
CA LYS B 284 -17.91 6.48 17.95
C LYS B 284 -18.53 7.77 18.50
N CYS B 285 -17.75 8.86 18.64
CA CYS B 285 -18.31 10.12 19.11
C CYS B 285 -19.33 10.66 18.11
N VAL B 286 -19.04 10.54 16.80
CA VAL B 286 -19.96 10.99 15.78
C VAL B 286 -21.22 10.13 15.86
N GLU B 287 -21.04 8.81 15.99
CA GLU B 287 -22.16 7.89 16.10
CA GLU B 287 -22.18 7.90 16.08
C GLU B 287 -23.08 8.27 17.25
N VAL B 288 -22.51 8.51 18.44
CA VAL B 288 -23.30 8.86 19.61
C VAL B 288 -24.07 10.15 19.40
N VAL B 289 -23.43 11.18 18.86
CA VAL B 289 -24.10 12.44 18.63
C VAL B 289 -25.24 12.29 17.63
N LYS B 290 -25.06 11.47 16.59
CA LYS B 290 -26.11 11.26 15.60
C LYS B 290 -27.35 10.60 16.15
N THR B 291 -27.22 9.80 17.23
CA THR B 291 -28.42 9.14 17.80
C THR B 291 -29.47 10.13 18.30
N PHE B 292 -29.08 11.39 18.54
CA PHE B 292 -29.99 12.40 19.05
C PHE B 292 -30.80 13.06 17.97
N ASN B 293 -30.50 12.75 16.68
CA ASN B 293 -31.28 13.22 15.54
C ASN B 293 -31.51 14.74 15.53
N LEU B 294 -30.46 15.50 15.81
CA LEU B 294 -30.51 16.93 15.77
C LEU B 294 -29.70 17.46 14.59
N PRO B 295 -30.03 18.64 14.07
CA PRO B 295 -29.21 19.26 13.01
C PRO B 295 -27.77 19.32 13.52
N LEU B 296 -26.82 18.86 12.67
CA LEU B 296 -25.44 18.70 13.11
C LEU B 296 -24.45 19.26 12.11
N LEU B 297 -23.53 20.10 12.60
CA LEU B 297 -22.45 20.66 11.80
C LEU B 297 -21.17 19.94 12.31
N MET B 298 -20.50 19.20 11.43
CA MET B 298 -19.29 18.46 11.76
C MET B 298 -18.11 19.19 11.16
N LEU B 299 -17.13 19.55 11.99
CA LEU B 299 -15.97 20.34 11.57
C LEU B 299 -14.69 19.59 11.84
N GLY B 300 -13.63 20.04 11.15
CA GLY B 300 -12.31 19.49 11.36
C GLY B 300 -11.64 20.11 12.59
N GLY B 301 -10.33 20.26 12.53
CA GLY B 301 -9.57 20.83 13.64
C GLY B 301 -8.15 20.32 13.54
N GLY B 302 -7.58 19.91 14.66
CA GLY B 302 -6.22 19.41 14.68
C GLY B 302 -6.09 18.06 14.02
N GLY B 303 -4.85 17.57 13.99
CA GLY B 303 -4.53 16.30 13.34
C GLY B 303 -3.26 16.53 12.56
N TYR B 304 -2.17 15.89 13.03
CA TYR B 304 -0.83 16.21 12.55
C TYR B 304 -0.06 15.03 12.01
N THR B 305 -0.63 13.82 12.01
CA THR B 305 -0.06 12.65 11.31
C THR B 305 -1.07 12.53 10.17
N ILE B 306 -0.74 13.11 9.01
CA ILE B 306 -1.77 13.37 8.01
C ILE B 306 -2.40 12.12 7.41
N ARG B 307 -1.69 11.02 7.29
CA ARG B 307 -2.38 9.82 6.78
C ARG B 307 -3.50 9.39 7.70
N ASN B 308 -3.32 9.59 9.03
CA ASN B 308 -4.35 9.19 9.98
C ASN B 308 -5.49 10.17 10.03
N VAL B 309 -5.21 11.45 9.74
CA VAL B 309 -6.28 12.45 9.67
C VAL B 309 -7.18 12.09 8.50
N ALA B 310 -6.58 11.76 7.33
CA ALA B 310 -7.38 11.40 6.16
C ALA B 310 -8.22 10.15 6.44
N ARG B 311 -7.65 9.17 7.13
CA ARG B 311 -8.41 7.97 7.46
C ARG B 311 -9.58 8.37 8.36
N CYS B 312 -9.29 9.17 9.41
CA CYS B 312 -10.31 9.51 10.38
C CYS B 312 -11.49 10.23 9.78
N TRP B 313 -11.19 11.28 9.03
CA TRP B 313 -12.27 12.08 8.46
C TRP B 313 -12.98 11.37 7.32
N THR B 314 -12.32 10.51 6.60
CA THR B 314 -13.00 9.70 5.59
C THR B 314 -14.00 8.78 6.32
N TYR B 315 -13.56 8.09 7.38
CA TYR B 315 -14.47 7.20 8.07
C TYR B 315 -15.61 7.96 8.73
N GLU B 316 -15.34 9.14 9.30
CA GLU B 316 -16.41 9.94 9.91
C GLU B 316 -17.41 10.45 8.89
N THR B 317 -16.96 10.70 7.64
CA THR B 317 -17.90 11.09 6.59
C THR B 317 -18.80 9.87 6.29
N ALA B 318 -18.19 8.69 6.21
CA ALA B 318 -18.99 7.47 5.96
C ALA B 318 -19.99 7.26 7.09
N VAL B 319 -19.59 7.51 8.35
CA VAL B 319 -20.53 7.40 9.48
C VAL B 319 -21.68 8.40 9.30
N ALA B 320 -21.37 9.64 8.91
CA ALA B 320 -22.43 10.63 8.70
C ALA B 320 -23.42 10.14 7.64
N LEU B 321 -22.92 9.45 6.63
CA LEU B 321 -23.71 8.94 5.52
C LEU B 321 -24.38 7.64 5.82
N ASP B 322 -24.11 7.03 6.98
CA ASP B 322 -24.70 5.73 7.34
C ASP B 322 -24.26 4.66 6.37
N CYS B 323 -22.98 4.71 5.95
CA CYS B 323 -22.38 3.81 4.96
CA CYS B 323 -22.53 3.62 5.13
C CYS B 323 -21.20 3.08 5.63
N GLU B 324 -21.02 1.78 5.42
CA GLU B 324 -19.79 1.20 5.92
C GLU B 324 -18.88 1.15 4.69
N ILE B 325 -17.59 1.16 4.95
CA ILE B 325 -16.59 1.14 3.91
C ILE B 325 -15.55 0.10 4.26
N PRO B 326 -14.92 -0.52 3.25
CA PRO B 326 -13.97 -1.57 3.57
C PRO B 326 -12.68 -1.09 4.21
N ASN B 327 -12.03 -1.95 4.97
CA ASN B 327 -10.76 -1.61 5.58
C ASN B 327 -9.66 -1.50 4.52
N GLU B 328 -9.79 -2.24 3.44
CA GLU B 328 -8.82 -2.18 2.35
C GLU B 328 -8.96 -0.80 1.67
N LEU B 329 -7.88 0.03 1.69
CA LEU B 329 -8.00 1.33 1.03
C LEU B 329 -8.08 1.17 -0.46
N PRO B 330 -8.90 1.97 -1.12
CA PRO B 330 -8.91 1.96 -2.58
C PRO B 330 -7.66 2.73 -3.06
N TYR B 331 -7.26 2.44 -4.30
CA TYR B 331 -6.17 3.21 -4.88
C TYR B 331 -6.63 4.68 -4.92
N ASN B 332 -5.66 5.60 -4.73
CA ASN B 332 -5.95 7.03 -4.70
C ASN B 332 -4.68 7.79 -4.98
N ASP B 333 -4.81 9.14 -5.13
CA ASP B 333 -3.69 9.97 -5.50
C ASP B 333 -2.55 9.96 -4.52
N TYR B 334 -2.83 9.58 -3.27
CA TYR B 334 -1.83 9.59 -2.20
C TYR B 334 -1.66 8.22 -1.61
N PHE B 335 -1.84 7.18 -2.44
CA PHE B 335 -1.82 5.81 -1.93
C PHE B 335 -0.59 5.46 -1.11
N GLU B 336 0.58 5.89 -1.59
CA GLU B 336 1.84 5.61 -0.92
C GLU B 336 1.96 6.22 0.48
N TYR B 337 1.12 7.22 0.79
CA TYR B 337 1.19 7.80 2.13
C TYR B 337 0.60 6.87 3.19
N PHE B 338 -0.13 5.83 2.77
CA PHE B 338 -0.83 4.95 3.69
C PHE B 338 -0.14 3.62 3.96
N GLY B 339 1.11 3.50 3.51
CA GLY B 339 1.89 2.33 3.87
C GLY B 339 2.22 2.37 5.36
N PRO B 340 2.64 1.24 5.92
CA PRO B 340 2.99 -0.02 5.21
C PRO B 340 1.82 -0.94 4.93
N ASP B 341 0.67 -0.68 5.55
CA ASP B 341 -0.46 -1.57 5.53
C ASP B 341 -1.55 -1.24 4.53
N PHE B 342 -1.70 0.04 4.15
CA PHE B 342 -2.77 0.45 3.22
C PHE B 342 -4.17 0.08 3.70
N LYS B 343 -4.39 0.18 5.02
CA LYS B 343 -5.71 -0.07 5.60
C LYS B 343 -6.29 1.24 6.10
N LEU B 344 -7.60 1.28 6.27
CA LEU B 344 -8.26 2.46 6.78
C LEU B 344 -8.10 2.58 8.29
N HIS B 345 -8.26 1.46 9.02
CA HIS B 345 -8.27 1.49 10.48
C HIS B 345 -6.90 1.36 11.04
N ILE B 346 -6.70 1.94 12.24
CA ILE B 346 -5.40 1.94 12.90
C ILE B 346 -5.49 1.19 14.22
N SER B 347 -4.34 0.74 14.67
CA SER B 347 -4.27 0.02 15.93
C SER B 347 -3.76 0.94 17.03
N PRO B 348 -4.20 0.70 18.28
CA PRO B 348 -3.66 1.52 19.38
C PRO B 348 -2.22 1.08 19.66
N SER B 349 -1.49 1.93 20.36
CA SER B 349 -0.12 1.60 20.74
C SER B 349 -0.16 0.96 22.14
N ASN B 350 1.04 0.59 22.66
CA ASN B 350 1.16 0.02 24.00
C ASN B 350 1.35 1.12 25.04
N MET B 351 1.12 2.39 24.68
CA MET B 351 1.30 3.41 25.70
C MET B 351 0.38 3.23 26.93
N THR B 352 0.90 3.59 28.11
CA THR B 352 0.09 3.46 29.30
C THR B 352 -1.07 4.49 29.29
N ASN B 353 -2.25 4.04 29.72
CA ASN B 353 -3.40 4.93 29.89
C ASN B 353 -3.25 5.50 31.32
N GLN B 354 -2.87 6.78 31.43
CA GLN B 354 -2.67 7.41 32.75
C GLN B 354 -3.99 7.81 33.42
N ASN B 355 -5.11 7.71 32.70
CA ASN B 355 -6.44 7.99 33.21
C ASN B 355 -6.93 6.73 33.87
N THR B 356 -6.70 6.61 35.18
CA THR B 356 -7.16 5.42 35.89
C THR B 356 -8.69 5.33 35.88
N PRO B 357 -9.29 4.13 36.08
CA PRO B 357 -10.75 4.04 36.11
C PRO B 357 -11.35 4.94 37.19
N GLU B 358 -10.64 5.07 38.34
CA GLU B 358 -11.14 5.90 39.44
C GLU B 358 -11.06 7.37 39.12
N TYR B 359 -9.98 7.78 38.44
CA TYR B 359 -9.88 9.18 38.00
C TYR B 359 -11.06 9.51 37.06
N MET B 360 -11.32 8.61 36.09
CA MET B 360 -12.40 8.86 35.13
C MET B 360 -13.75 8.95 35.77
N GLU B 361 -14.03 8.02 36.72
CA GLU B 361 -15.34 8.07 37.39
C GLU B 361 -15.47 9.26 38.32
N LYS B 362 -14.37 9.66 38.96
CA LYS B 362 -14.45 10.80 39.85
C LYS B 362 -14.71 12.10 39.10
N ILE B 363 -14.03 12.27 37.95
CA ILE B 363 -14.27 13.46 37.14
C ILE B 363 -15.69 13.43 36.57
N LYS B 364 -16.14 12.24 36.08
CA LYS B 364 -17.51 12.12 35.55
C LYS B 364 -18.51 12.50 36.65
N GLN B 365 -18.28 12.06 37.89
CA GLN B 365 -19.21 12.38 38.98
C GLN B 365 -19.25 13.88 39.25
N ARG B 366 -18.08 14.53 39.27
CA ARG B 366 -18.03 15.97 39.51
C ARG B 366 -18.76 16.71 38.37
N LEU B 367 -18.62 16.24 37.10
CA LEU B 367 -19.32 16.90 36.00
C LEU B 367 -20.82 16.68 36.10
N PHE B 368 -21.24 15.48 36.53
CA PHE B 368 -22.67 15.18 36.69
C PHE B 368 -23.29 16.09 37.76
N GLU B 369 -22.52 16.44 38.80
CA GLU B 369 -23.01 17.36 39.84
C GLU B 369 -23.26 18.73 39.24
N ASN B 370 -22.38 19.18 38.34
CA ASN B 370 -22.56 20.47 37.69
C ASN B 370 -23.74 20.47 36.73
N LEU B 371 -23.94 19.35 36.00
CA LEU B 371 -25.04 19.23 35.03
C LEU B 371 -26.39 19.19 35.73
N ARG B 372 -26.43 18.62 36.95
CA ARG B 372 -27.68 18.59 37.73
C ARG B 372 -28.09 19.99 38.20
N MET B 373 -27.15 20.96 38.18
CA MET B 373 -27.37 22.37 38.54
C MET B 373 -28.05 23.18 37.42
N LEU B 374 -28.20 22.59 36.21
CA LEU B 374 -28.84 23.26 35.09
CA LEU B 374 -28.84 23.26 35.09
C LEU B 374 -30.37 23.37 35.33
N PRO B 375 -31.06 24.47 34.88
CA PRO B 375 -32.52 24.55 35.12
C PRO B 375 -33.33 23.59 34.26
N LYS C 9 9.33 -23.72 35.95
CA LYS C 9 9.50 -22.29 36.21
C LYS C 9 8.83 -21.43 35.12
N LYS C 10 9.10 -21.73 33.84
CA LYS C 10 8.52 -21.01 32.71
C LYS C 10 7.06 -21.44 32.53
N LYS C 11 6.15 -20.47 32.52
CA LYS C 11 4.71 -20.69 32.38
C LYS C 11 4.35 -20.96 30.91
N VAL C 12 3.47 -21.95 30.71
CA VAL C 12 3.01 -22.36 29.38
C VAL C 12 1.48 -22.28 29.30
N CYS C 13 0.98 -21.50 28.32
CA CYS C 13 -0.45 -21.37 28.04
C CYS C 13 -0.71 -22.15 26.76
N TYR C 14 -1.80 -22.90 26.73
CA TYR C 14 -2.16 -23.82 25.65
C TYR C 14 -3.55 -23.53 25.13
N TYR C 15 -3.68 -23.37 23.81
CA TYR C 15 -4.92 -23.02 23.13
C TYR C 15 -5.47 -24.17 22.35
N TYR C 16 -6.73 -24.53 22.66
CA TYR C 16 -7.36 -25.67 22.03
C TYR C 16 -8.86 -25.56 22.12
N ASP C 17 -9.54 -25.83 21.00
CA ASP C 17 -10.99 -25.89 20.94
C ASP C 17 -11.32 -27.33 20.59
N GLY C 18 -12.12 -27.99 21.42
CA GLY C 18 -12.54 -29.38 21.23
C GLY C 18 -13.24 -29.72 19.93
N ASP C 19 -13.68 -28.71 19.15
CA ASP C 19 -14.33 -28.98 17.87
C ASP C 19 -13.33 -28.95 16.70
N ILE C 20 -12.07 -28.51 16.94
CA ILE C 20 -11.09 -28.39 15.87
C ILE C 20 -10.88 -29.69 15.08
N GLY C 21 -10.84 -30.83 15.80
CA GLY C 21 -10.62 -32.12 15.15
C GLY C 21 -11.74 -32.59 14.24
N ASN C 22 -12.92 -31.91 14.29
CA ASN C 22 -14.04 -32.33 13.46
C ASN C 22 -14.04 -31.71 12.07
N TYR C 23 -13.22 -30.67 11.83
CA TYR C 23 -13.17 -30.07 10.50
C TYR C 23 -12.51 -31.03 9.54
N TYR C 24 -13.11 -31.16 8.36
CA TYR C 24 -12.68 -32.13 7.38
C TYR C 24 -12.47 -31.56 5.99
N TYR C 25 -11.23 -31.63 5.50
CA TYR C 25 -10.91 -31.08 4.18
C TYR C 25 -11.48 -31.87 3.00
N GLY C 26 -11.96 -33.08 3.27
CA GLY C 26 -12.50 -33.92 2.21
C GLY C 26 -11.71 -35.20 2.00
N GLN C 27 -12.37 -36.24 1.43
CA GLN C 27 -11.72 -37.53 1.18
C GLN C 27 -10.46 -37.41 0.33
N GLY C 28 -9.39 -38.01 0.84
CA GLY C 28 -8.10 -38.00 0.15
C GLY C 28 -7.23 -36.80 0.41
N HIS C 29 -7.80 -35.69 0.97
CA HIS C 29 -6.98 -34.49 1.22
C HIS C 29 -6.00 -34.79 2.35
N PRO C 30 -4.69 -34.49 2.16
CA PRO C 30 -3.72 -34.82 3.21
C PRO C 30 -3.86 -34.05 4.51
N MET C 31 -4.47 -32.83 4.49
CA MET C 31 -4.60 -32.04 5.72
C MET C 31 -5.71 -32.58 6.59
N LYS C 32 -5.35 -33.01 7.81
CA LYS C 32 -6.27 -33.68 8.73
C LYS C 32 -6.33 -33.03 10.08
N PRO C 33 -7.26 -32.09 10.30
CA PRO C 33 -7.38 -31.42 11.61
C PRO C 33 -7.53 -32.39 12.81
N HIS C 34 -7.96 -33.64 12.52
CA HIS C 34 -8.08 -34.68 13.56
C HIS C 34 -6.74 -34.91 14.25
N ARG C 35 -5.60 -34.64 13.55
CA ARG C 35 -4.27 -34.77 14.15
C ARG C 35 -4.12 -33.88 15.41
N ILE C 36 -4.85 -32.73 15.49
N ILE C 36 -4.83 -32.72 15.49
CA ILE C 36 -4.78 -31.80 16.63
CA ILE C 36 -4.73 -31.84 16.65
C ILE C 36 -5.45 -32.47 17.84
C ILE C 36 -5.43 -32.48 17.84
N ARG C 37 -6.56 -33.18 17.61
CA ARG C 37 -7.30 -33.88 18.66
C ARG C 37 -6.45 -35.07 19.13
N MET C 38 -5.77 -35.78 18.21
CA MET C 38 -4.89 -36.90 18.62
C MET C 38 -3.77 -36.37 19.49
N THR C 39 -3.18 -35.22 19.09
CA THR C 39 -2.11 -34.63 19.88
C THR C 39 -2.63 -34.27 21.28
N HIS C 40 -3.78 -33.59 21.34
CA HIS C 40 -4.37 -33.17 22.59
C HIS C 40 -4.63 -34.34 23.55
N ASN C 41 -5.22 -35.41 23.04
CA ASN C 41 -5.52 -36.58 23.85
C ASN C 41 -4.25 -37.27 24.34
N LEU C 42 -3.21 -37.36 23.50
CA LEU C 42 -1.98 -37.97 23.92
C LEU C 42 -1.32 -37.14 25.04
N LEU C 43 -1.22 -35.80 24.88
CA LEU C 43 -0.59 -34.97 25.91
C LEU C 43 -1.42 -34.93 27.21
N LEU C 44 -2.76 -35.07 27.10
CA LEU C 44 -3.66 -35.12 28.25
C LEU C 44 -3.33 -36.41 29.05
N ASN C 45 -3.15 -37.55 28.34
CA ASN C 45 -2.88 -38.84 28.95
C ASN C 45 -1.47 -38.96 29.51
N TYR C 46 -0.56 -38.08 29.10
CA TYR C 46 0.81 -38.06 29.60
C TYR C 46 0.89 -37.20 30.87
N GLY C 47 -0.21 -36.52 31.18
CA GLY C 47 -0.33 -35.64 32.34
C GLY C 47 0.25 -34.26 32.11
N LEU C 48 0.39 -33.85 30.83
CA LEU C 48 0.95 -32.55 30.45
C LEU C 48 -0.09 -31.43 30.51
N TYR C 49 -1.34 -31.76 30.16
CA TYR C 49 -2.51 -30.87 30.14
C TYR C 49 -2.67 -30.14 31.49
N ARG C 50 -2.58 -30.88 32.60
CA ARG C 50 -2.72 -30.34 33.96
C ARG C 50 -1.58 -29.39 34.37
N LYS C 51 -0.42 -29.44 33.69
CA LYS C 51 0.75 -28.59 33.98
C LYS C 51 0.71 -27.24 33.24
N MET C 52 -0.25 -27.09 32.33
CA MET C 52 -0.41 -25.87 31.53
C MET C 52 -1.69 -25.15 31.85
N GLU C 53 -1.73 -23.85 31.53
CA GLU C 53 -2.94 -23.05 31.66
C GLU C 53 -3.64 -23.32 30.33
N ILE C 54 -4.83 -23.90 30.38
CA ILE C 54 -5.62 -24.29 29.21
C ILE C 54 -6.67 -23.25 28.87
N TYR C 55 -6.75 -22.88 27.57
CA TYR C 55 -7.73 -21.91 27.10
C TYR C 55 -8.40 -22.36 25.83
N ARG C 56 -9.72 -22.12 25.75
CA ARG C 56 -10.49 -22.38 24.56
C ARG C 56 -10.43 -21.03 23.87
N PRO C 57 -9.80 -20.93 22.67
CA PRO C 57 -9.66 -19.62 22.04
C PRO C 57 -10.98 -19.06 21.52
N HIS C 58 -11.18 -17.76 21.63
CA HIS C 58 -12.37 -17.15 21.07
C HIS C 58 -12.11 -17.09 19.56
N LYS C 59 -13.17 -17.26 18.78
CA LYS C 59 -13.13 -17.21 17.32
C LYS C 59 -12.66 -15.82 16.88
N ALA C 60 -11.63 -15.74 16.01
CA ALA C 60 -11.15 -14.46 15.50
C ALA C 60 -12.29 -13.86 14.66
N THR C 61 -12.51 -12.55 14.75
CA THR C 61 -13.58 -11.98 13.96
C THR C 61 -13.10 -11.68 12.54
N ALA C 62 -14.07 -11.49 11.60
CA ALA C 62 -13.72 -11.10 10.23
C ALA C 62 -12.92 -9.79 10.28
N GLU C 63 -13.27 -8.88 11.21
CA GLU C 63 -12.59 -7.60 11.39
C GLU C 63 -11.13 -7.78 11.79
N GLU C 64 -10.84 -8.72 12.71
CA GLU C 64 -9.47 -9.00 13.11
C GLU C 64 -8.71 -9.48 11.87
N MET C 65 -9.34 -10.35 11.07
CA MET C 65 -8.67 -10.89 9.89
C MET C 65 -8.34 -9.85 8.84
N THR C 66 -9.19 -8.79 8.70
CA THR C 66 -8.95 -7.75 7.70
C THR C 66 -7.85 -6.75 8.14
N LYS C 67 -7.20 -7.00 9.30
CA LYS C 67 -6.05 -6.18 9.66
C LYS C 67 -4.95 -6.53 8.66
N TYR C 68 -5.03 -7.74 8.04
CA TYR C 68 -4.07 -8.16 7.04
C TYR C 68 -4.75 -8.52 5.72
N HIS C 69 -5.73 -9.43 5.76
CA HIS C 69 -6.34 -9.88 4.53
C HIS C 69 -7.30 -8.86 3.94
N SER C 70 -7.55 -8.95 2.65
CA SER C 70 -8.48 -8.00 2.03
C SER C 70 -9.93 -8.29 2.44
N ASP C 71 -10.77 -7.26 2.47
CA ASP C 71 -12.17 -7.43 2.83
C ASP C 71 -12.86 -8.37 1.85
N GLU C 72 -12.61 -8.24 0.55
CA GLU C 72 -13.29 -9.10 -0.43
C GLU C 72 -12.92 -10.57 -0.20
N TYR C 73 -11.63 -10.84 0.13
CA TYR C 73 -11.22 -12.22 0.35
C TYR C 73 -11.89 -12.80 1.59
N ILE C 74 -11.91 -12.05 2.70
CA ILE C 74 -12.55 -12.52 3.92
C ILE C 74 -14.06 -12.67 3.73
N LYS C 75 -14.71 -11.75 3.00
CA LYS C 75 -16.14 -11.88 2.76
C LYS C 75 -16.41 -13.17 1.98
N PHE C 76 -15.54 -13.49 1.01
CA PHE C 76 -15.67 -14.70 0.22
C PHE C 76 -15.55 -15.93 1.15
N LEU C 77 -14.54 -15.95 2.06
CA LEU C 77 -14.36 -17.10 2.97
C LEU C 77 -15.55 -17.28 3.88
N ARG C 78 -16.20 -16.18 4.27
CA ARG C 78 -17.37 -16.22 5.16
C ARG C 78 -18.62 -16.66 4.41
N SER C 79 -18.64 -16.49 3.08
CA SER C 79 -19.83 -16.74 2.26
C SER C 79 -19.89 -18.04 1.52
N ILE C 80 -18.74 -18.54 1.05
CA ILE C 80 -18.70 -19.74 0.24
C ILE C 80 -19.12 -20.98 1.05
N ARG C 81 -19.83 -21.88 0.37
CA ARG C 81 -20.32 -23.11 0.99
C ARG C 81 -20.21 -24.20 -0.03
N PRO C 82 -20.09 -25.48 0.39
CA PRO C 82 -20.06 -26.56 -0.62
C PRO C 82 -21.28 -26.54 -1.55
N ASP C 83 -22.45 -26.10 -1.06
CA ASP C 83 -23.65 -26.13 -1.93
C ASP C 83 -23.95 -24.82 -2.68
N ASN C 84 -23.03 -23.83 -2.64
CA ASN C 84 -23.26 -22.58 -3.38
C ASN C 84 -22.10 -22.20 -4.27
N MET C 85 -21.09 -23.09 -4.40
CA MET C 85 -19.88 -22.86 -5.21
C MET C 85 -20.10 -22.35 -6.65
N SER C 86 -21.20 -22.75 -7.33
CA SER C 86 -21.47 -22.29 -8.71
C SER C 86 -21.74 -20.77 -8.81
N GLU C 87 -22.11 -20.14 -7.68
CA GLU C 87 -22.35 -18.69 -7.61
C GLU C 87 -21.00 -17.96 -7.41
N TYR C 88 -19.90 -18.72 -7.18
CA TYR C 88 -18.58 -18.13 -6.90
C TYR C 88 -17.41 -18.64 -7.74
N SER C 89 -17.65 -19.16 -8.97
CA SER C 89 -16.59 -19.68 -9.84
C SER C 89 -15.49 -18.63 -10.13
N LYS C 90 -15.89 -17.39 -10.39
CA LYS C 90 -14.91 -16.32 -10.65
C LYS C 90 -14.08 -16.01 -9.40
N GLN C 91 -14.74 -15.89 -8.23
CA GLN C 91 -14.00 -15.60 -7.00
C GLN C 91 -13.11 -16.78 -6.59
N MET C 92 -13.52 -18.02 -6.88
CA MET C 92 -12.67 -19.19 -6.56
C MET C 92 -11.37 -19.10 -7.35
N GLN C 93 -11.43 -18.67 -8.60
CA GLN C 93 -10.20 -18.55 -9.40
C GLN C 93 -9.35 -17.36 -8.86
N ARG C 94 -10.00 -16.25 -8.52
CA ARG C 94 -9.30 -15.07 -7.99
C ARG C 94 -8.56 -15.38 -6.68
N PHE C 95 -9.20 -16.17 -5.82
CA PHE C 95 -8.69 -16.45 -4.47
C PHE C 95 -8.00 -17.81 -4.32
N ASN C 96 -7.83 -18.54 -5.44
CA ASN C 96 -7.17 -19.85 -5.46
C ASN C 96 -7.84 -20.88 -4.56
N VAL C 97 -9.17 -20.91 -4.58
CA VAL C 97 -9.88 -21.92 -3.82
C VAL C 97 -10.13 -23.02 -4.85
N GLY C 98 -9.63 -24.22 -4.57
CA GLY C 98 -9.69 -25.38 -5.47
C GLY C 98 -9.18 -26.64 -4.82
N GLU C 99 -8.35 -27.44 -5.52
CA GLU C 99 -7.86 -28.72 -5.00
C GLU C 99 -7.11 -28.62 -3.69
N ASP C 100 -6.05 -27.76 -3.65
CA ASP C 100 -5.28 -27.65 -2.42
C ASP C 100 -6.06 -27.01 -1.32
N CYS C 101 -6.87 -26.00 -1.68
CA CYS C 101 -7.65 -25.26 -0.69
C CYS C 101 -9.10 -25.41 -1.02
N PRO C 102 -9.69 -26.54 -0.62
CA PRO C 102 -11.09 -26.79 -0.98
C PRO C 102 -12.09 -26.04 -0.14
N VAL C 103 -13.36 -26.07 -0.59
CA VAL C 103 -14.45 -25.50 0.16
C VAL C 103 -15.00 -26.67 0.98
N PHE C 104 -15.01 -26.55 2.29
CA PHE C 104 -15.55 -27.58 3.17
C PHE C 104 -16.49 -26.98 4.19
N ASP C 105 -17.36 -27.82 4.79
CA ASP C 105 -18.30 -27.37 5.81
C ASP C 105 -17.56 -26.79 7.01
N GLY C 106 -17.96 -25.59 7.41
CA GLY C 106 -17.38 -24.88 8.56
C GLY C 106 -16.01 -24.28 8.29
N LEU C 107 -15.63 -24.14 7.02
CA LEU C 107 -14.34 -23.54 6.62
C LEU C 107 -14.03 -22.26 7.39
N PHE C 108 -14.97 -21.30 7.41
CA PHE C 108 -14.74 -20.04 8.09
C PHE C 108 -14.50 -20.22 9.57
N GLU C 109 -15.32 -21.07 10.24
CA GLU C 109 -15.15 -21.33 11.66
C GLU C 109 -13.78 -21.95 11.95
N PHE C 110 -13.33 -22.84 11.04
CA PHE C 110 -12.01 -23.47 11.18
C PHE C 110 -10.92 -22.37 11.17
N CYS C 111 -11.03 -21.42 10.25
CA CYS C 111 -10.08 -20.29 10.15
C CYS C 111 -10.13 -19.42 11.41
N GLN C 112 -11.35 -19.21 11.93
CA GLN C 112 -11.55 -18.40 13.11
C GLN C 112 -10.91 -19.01 14.35
N LEU C 113 -10.99 -20.34 14.49
CA LEU C 113 -10.42 -21.01 15.67
C LEU C 113 -8.91 -21.12 15.57
N SER C 114 -8.41 -21.47 14.37
CA SER C 114 -6.97 -21.57 14.09
C SER C 114 -6.33 -20.19 14.39
N THR C 115 -6.92 -19.10 13.85
CA THR C 115 -6.42 -17.74 14.06
C THR C 115 -6.61 -17.24 15.49
N GLY C 116 -7.78 -17.52 16.06
CA GLY C 116 -8.12 -17.12 17.42
C GLY C 116 -7.08 -17.57 18.43
N GLY C 117 -6.62 -18.80 18.31
CA GLY C 117 -5.58 -19.31 19.20
C GLY C 117 -4.25 -18.59 19.09
N SER C 118 -3.83 -18.30 17.85
CA SER C 118 -2.54 -17.62 17.62
C SER C 118 -2.58 -16.19 18.14
N VAL C 119 -3.65 -15.45 17.81
CA VAL C 119 -3.76 -14.05 18.27
C VAL C 119 -3.92 -14.00 19.79
N ALA C 120 -4.71 -14.92 20.40
CA ALA C 120 -4.87 -14.95 21.85
C ALA C 120 -3.54 -15.22 22.53
N GLY C 121 -2.73 -16.13 21.95
CA GLY C 121 -1.40 -16.43 22.45
C GLY C 121 -0.53 -15.19 22.44
N ALA C 122 -0.56 -14.45 21.31
CA ALA C 122 0.22 -13.20 21.18
C ALA C 122 -0.22 -12.16 22.22
N VAL C 123 -1.55 -12.05 22.48
CA VAL C 123 -2.06 -11.10 23.48
C VAL C 123 -1.54 -11.47 24.86
N LYS C 124 -1.57 -12.78 25.17
CA LYS C 124 -1.12 -13.29 26.46
C LYS C 124 0.37 -12.98 26.69
N LEU C 125 1.19 -13.13 25.63
CA LEU C 125 2.62 -12.81 25.70
C LEU C 125 2.81 -11.30 25.85
N ASN C 126 2.02 -10.48 25.11
CA ASN C 126 2.10 -9.01 25.19
C ASN C 126 1.80 -8.51 26.62
N ARG C 127 0.79 -9.12 27.25
CA ARG C 127 0.34 -8.79 28.61
C ARG C 127 1.28 -9.34 29.68
N GLN C 128 2.36 -10.05 29.29
CA GLN C 128 3.36 -10.66 30.19
C GLN C 128 2.66 -11.62 31.19
N GLN C 129 1.66 -12.36 30.69
CA GLN C 129 0.92 -13.30 31.53
C GLN C 129 1.36 -14.73 31.31
N THR C 130 2.34 -14.93 30.41
CA THR C 130 2.92 -16.23 30.09
C THR C 130 4.31 -16.09 29.47
N ASP C 131 5.10 -17.17 29.51
CA ASP C 131 6.43 -17.20 28.90
C ASP C 131 6.32 -17.83 27.52
N MET C 132 5.46 -18.85 27.39
CA MET C 132 5.19 -19.56 26.16
C MET C 132 3.70 -19.70 25.97
N ALA C 133 3.27 -19.63 24.71
CA ALA C 133 1.89 -19.84 24.31
C ALA C 133 1.95 -20.86 23.17
N VAL C 134 1.05 -21.86 23.21
CA VAL C 134 1.05 -22.95 22.22
C VAL C 134 -0.29 -23.00 21.53
N ASN C 135 -0.27 -23.04 20.18
CA ASN C 135 -1.48 -23.21 19.38
C ASN C 135 -1.18 -24.19 18.25
N TRP C 136 -1.37 -25.48 18.50
CA TRP C 136 -1.10 -26.47 17.47
C TRP C 136 -2.01 -26.37 16.25
N ALA C 137 -3.18 -25.68 16.37
CA ALA C 137 -4.07 -25.51 15.23
C ALA C 137 -3.63 -24.35 14.31
N GLY C 138 -2.62 -23.60 14.72
CA GLY C 138 -2.10 -22.48 13.92
C GLY C 138 -0.91 -22.88 13.07
N GLY C 139 -0.20 -21.87 12.56
CA GLY C 139 0.98 -22.10 11.72
C GLY C 139 0.68 -22.24 10.25
N LEU C 140 -0.45 -21.67 9.78
CA LEU C 140 -0.86 -21.83 8.40
C LEU C 140 -0.21 -20.75 7.54
N HIS C 141 1.10 -20.96 7.35
CA HIS C 141 2.04 -20.00 6.79
C HIS C 141 1.94 -19.63 5.31
N HIS C 142 1.13 -20.33 4.49
CA HIS C 142 1.09 -19.97 3.06
C HIS C 142 0.02 -18.95 2.70
N ALA C 143 -0.99 -18.74 3.56
CA ALA C 143 -2.08 -17.82 3.19
C ALA C 143 -1.59 -16.41 2.86
N LYS C 144 -2.15 -15.83 1.80
CA LYS C 144 -1.72 -14.51 1.34
C LYS C 144 -2.81 -13.48 1.59
N LYS C 145 -2.50 -12.21 1.37
CA LYS C 145 -3.49 -11.15 1.66
C LYS C 145 -4.85 -11.42 1.03
N SER C 146 -4.84 -11.83 -0.24
CA SER C 146 -6.06 -12.08 -0.99
C SER C 146 -6.00 -13.40 -1.73
N GLU C 147 -5.42 -14.42 -1.11
CA GLU C 147 -5.32 -15.72 -1.79
C GLU C 147 -5.12 -16.84 -0.79
N ALA C 148 -5.87 -17.93 -0.95
CA ALA C 148 -5.66 -19.15 -0.17
C ALA C 148 -4.47 -19.84 -0.87
N SER C 149 -3.67 -20.60 -0.12
CA SER C 149 -2.55 -21.30 -0.75
C SER C 149 -2.14 -22.46 0.14
N GLY C 150 -1.79 -23.59 -0.47
CA GLY C 150 -1.20 -24.70 0.27
C GLY C 150 -1.89 -25.10 1.57
N PHE C 151 -3.21 -25.30 1.49
CA PHE C 151 -4.07 -25.75 2.56
C PHE C 151 -4.35 -24.68 3.60
N CYS C 152 -3.85 -23.46 3.38
CA CYS C 152 -3.96 -22.35 4.32
C CYS C 152 -4.91 -21.31 3.73
N TYR C 153 -5.81 -20.77 4.58
CA TYR C 153 -6.74 -19.75 4.06
C TYR C 153 -6.52 -18.42 4.76
N VAL C 154 -6.34 -18.40 6.07
CA VAL C 154 -6.11 -17.20 6.87
C VAL C 154 -4.75 -17.34 7.51
N ASN C 155 -3.92 -16.32 7.37
CA ASN C 155 -2.58 -16.38 7.89
C ASN C 155 -2.57 -16.01 9.35
N ASP C 156 -2.79 -17.00 10.21
CA ASP C 156 -2.82 -16.78 11.65
C ASP C 156 -1.50 -16.23 12.18
N ILE C 157 -0.40 -16.65 11.51
CA ILE C 157 0.91 -16.23 11.96
C ILE C 157 1.09 -14.75 11.75
N VAL C 158 0.79 -14.25 10.55
CA VAL C 158 0.93 -12.82 10.28
C VAL C 158 0.06 -12.03 11.24
N LEU C 159 -1.18 -12.49 11.47
CA LEU C 159 -2.04 -11.76 12.42
C LEU C 159 -1.47 -11.78 13.83
N ALA C 160 -0.89 -12.91 14.26
CA ALA C 160 -0.31 -12.95 15.59
C ALA C 160 0.92 -12.05 15.70
N ILE C 161 1.73 -11.97 14.61
CA ILE C 161 2.91 -11.11 14.62
C ILE C 161 2.49 -9.64 14.63
N LEU C 162 1.44 -9.26 13.87
CA LEU C 162 0.97 -7.87 13.93
C LEU C 162 0.55 -7.54 15.37
N GLU C 163 -0.05 -8.50 16.07
CA GLU C 163 -0.39 -8.27 17.48
C GLU C 163 0.87 -8.12 18.35
N LEU C 164 1.87 -9.02 18.18
CA LEU C 164 3.12 -8.88 18.95
C LEU C 164 3.85 -7.56 18.70
N LEU C 165 3.75 -7.01 17.48
CA LEU C 165 4.43 -5.76 17.11
C LEU C 165 3.93 -4.55 17.85
N LYS C 166 2.78 -4.66 18.53
CA LYS C 166 2.29 -3.54 19.31
C LYS C 166 3.15 -3.38 20.58
N TYR C 167 3.74 -4.48 21.08
CA TYR C 167 4.51 -4.46 22.31
C TYR C 167 5.98 -4.83 22.14
N HIS C 168 6.38 -5.26 20.93
CA HIS C 168 7.75 -5.69 20.64
C HIS C 168 8.30 -5.00 19.44
N GLN C 169 9.45 -4.31 19.58
CA GLN C 169 10.06 -3.59 18.45
C GLN C 169 10.52 -4.55 17.34
N ARG C 170 11.07 -5.71 17.76
CA ARG C 170 11.59 -6.70 16.82
C ARG C 170 11.07 -8.05 17.18
N VAL C 171 10.49 -8.74 16.17
CA VAL C 171 9.96 -10.08 16.36
C VAL C 171 10.71 -11.02 15.42
N LEU C 172 11.12 -12.20 15.93
CA LEU C 172 11.80 -13.20 15.13
C LEU C 172 10.81 -14.33 14.84
N TYR C 173 10.72 -14.70 13.55
CA TYR C 173 9.85 -15.79 13.11
C TYR C 173 10.78 -16.91 12.58
N ILE C 174 10.62 -18.13 13.11
CA ILE C 174 11.43 -19.28 12.67
C ILE C 174 10.45 -20.35 12.20
N ASP C 175 10.73 -20.93 11.04
CA ASP C 175 9.81 -21.89 10.42
C ASP C 175 10.58 -23.16 10.06
N ILE C 176 10.23 -24.28 10.74
CA ILE C 176 10.90 -25.57 10.51
C ILE C 176 10.01 -26.55 9.76
N ASP C 177 8.87 -26.07 9.23
CA ASP C 177 8.04 -26.87 8.34
C ASP C 177 8.93 -27.23 7.13
N ILE C 178 8.65 -28.35 6.44
CA ILE C 178 9.46 -28.70 5.27
C ILE C 178 9.22 -27.72 4.10
N HIS C 179 8.06 -27.03 4.11
CA HIS C 179 7.75 -26.10 3.02
C HIS C 179 8.15 -24.69 3.40
N HIS C 180 8.60 -23.91 2.39
CA HIS C 180 8.97 -22.53 2.65
C HIS C 180 7.80 -21.70 3.23
N GLY C 181 8.07 -20.91 4.26
CA GLY C 181 7.07 -20.04 4.89
C GLY C 181 6.86 -18.77 4.07
N ASP C 182 6.36 -18.92 2.83
CA ASP C 182 6.23 -17.80 1.90
C ASP C 182 5.24 -16.72 2.31
N GLY C 183 4.06 -17.09 2.82
CA GLY C 183 3.08 -16.08 3.19
C GLY C 183 3.59 -15.15 4.26
N VAL C 184 4.28 -15.69 5.25
CA VAL C 184 4.83 -14.87 6.33
C VAL C 184 6.00 -14.02 5.81
N GLU C 185 6.92 -14.65 5.07
CA GLU C 185 8.04 -13.91 4.52
C GLU C 185 7.53 -12.74 3.67
N GLU C 186 6.53 -12.98 2.83
CA GLU C 186 6.00 -11.91 1.97
C GLU C 186 5.36 -10.79 2.77
N ALA C 187 4.60 -11.12 3.82
CA ALA C 187 3.95 -10.08 4.61
C ALA C 187 4.95 -9.10 5.18
N PHE C 188 6.14 -9.59 5.60
CA PHE C 188 7.13 -8.75 6.25
C PHE C 188 8.39 -8.51 5.43
N TYR C 189 8.33 -8.76 4.12
CA TYR C 189 9.53 -8.67 3.28
C TYR C 189 10.24 -7.36 3.27
N THR C 190 9.50 -6.27 3.44
CA THR C 190 10.10 -4.92 3.36
C THR C 190 10.23 -4.26 4.72
N THR C 191 10.13 -5.01 5.82
CA THR C 191 10.34 -4.42 7.14
C THR C 191 11.48 -5.09 7.90
N ASP C 192 12.13 -4.30 8.75
CA ASP C 192 13.19 -4.82 9.62
C ASP C 192 12.62 -5.12 11.00
N ARG C 193 11.29 -4.92 11.21
CA ARG C 193 10.66 -5.18 12.51
C ARG C 193 10.32 -6.64 12.71
N VAL C 194 10.45 -7.42 11.64
CA VAL C 194 10.27 -8.87 11.72
C VAL C 194 11.40 -9.49 10.91
N MET C 195 12.08 -10.48 11.50
CA MET C 195 13.06 -11.25 10.75
C MET C 195 12.41 -12.61 10.52
N THR C 196 12.38 -13.07 9.29
CA THR C 196 11.77 -14.38 8.98
C THR C 196 12.91 -15.34 8.62
N VAL C 197 12.92 -16.53 9.23
CA VAL C 197 13.99 -17.53 9.00
C VAL C 197 13.31 -18.85 8.66
N SER C 198 13.52 -19.34 7.45
CA SER C 198 12.88 -20.58 7.00
C SER C 198 13.92 -21.61 6.55
N PHE C 199 13.76 -22.85 7.03
CA PHE C 199 14.60 -24.00 6.67
C PHE C 199 13.62 -24.89 5.93
N HIS C 200 13.90 -25.21 4.66
CA HIS C 200 12.88 -25.94 3.90
C HIS C 200 13.46 -26.69 2.72
N LYS C 201 12.71 -27.64 2.19
CA LYS C 201 13.11 -28.32 0.99
C LYS C 201 12.94 -27.31 -0.17
N TYR C 202 13.96 -27.22 -1.05
CA TYR C 202 13.94 -26.30 -2.19
C TYR C 202 14.36 -27.02 -3.45
N GLY C 203 13.59 -26.86 -4.51
CA GLY C 203 13.85 -27.50 -5.80
C GLY C 203 12.78 -28.52 -6.12
N GLU C 204 12.00 -28.27 -7.20
CA GLU C 204 10.87 -29.11 -7.64
C GLU C 204 10.00 -29.42 -6.43
N TYR C 205 9.63 -28.35 -5.70
CA TYR C 205 8.85 -28.55 -4.49
C TYR C 205 8.06 -27.29 -4.18
N PHE C 206 6.84 -27.49 -3.73
CA PHE C 206 5.95 -26.37 -3.38
C PHE C 206 6.54 -25.56 -2.21
N PRO C 207 6.38 -24.22 -2.21
CA PRO C 207 5.73 -23.36 -3.22
C PRO C 207 6.67 -22.84 -4.31
N GLY C 208 7.92 -23.29 -4.31
CA GLY C 208 8.86 -22.88 -5.34
C GLY C 208 9.67 -21.65 -5.01
N THR C 209 9.45 -21.10 -3.82
CA THR C 209 10.12 -19.91 -3.32
C THR C 209 11.09 -20.24 -2.19
N GLY C 210 11.75 -19.21 -1.66
CA GLY C 210 12.68 -19.38 -0.55
C GLY C 210 14.07 -19.75 -1.03
N ASP C 211 14.52 -19.10 -2.10
CA ASP C 211 15.86 -19.29 -2.62
C ASP C 211 16.86 -18.65 -1.67
N LEU C 212 18.13 -19.11 -1.75
CA LEU C 212 19.18 -18.53 -0.93
C LEU C 212 19.29 -16.99 -1.15
N ARG C 213 19.04 -16.53 -2.40
CA ARG C 213 19.15 -15.10 -2.76
C ARG C 213 17.98 -14.23 -2.26
N ASP C 214 16.90 -14.85 -1.74
CA ASP C 214 15.75 -14.09 -1.24
C ASP C 214 16.04 -13.63 0.17
N ILE C 215 16.53 -12.39 0.30
CA ILE C 215 16.99 -11.83 1.56
C ILE C 215 16.20 -10.61 2.04
N GLY C 216 15.14 -10.25 1.34
CA GLY C 216 14.34 -9.08 1.74
C GLY C 216 14.57 -7.92 0.80
N ALA C 217 13.78 -6.83 0.99
CA ALA C 217 13.89 -5.64 0.14
C ALA C 217 13.61 -4.39 0.98
N GLY C 218 14.05 -3.24 0.48
CA GLY C 218 13.91 -1.98 1.18
C GLY C 218 14.53 -2.07 2.55
N LYS C 219 13.85 -1.57 3.58
CA LYS C 219 14.35 -1.64 4.96
C LYS C 219 14.50 -3.10 5.43
N GLY C 220 13.79 -4.00 4.76
CA GLY C 220 13.84 -5.40 5.12
C GLY C 220 15.00 -6.16 4.47
N LYS C 221 15.90 -5.48 3.73
CA LYS C 221 17.03 -6.17 3.11
C LYS C 221 17.90 -6.74 4.24
N TYR C 222 18.18 -8.07 4.15
CA TYR C 222 18.92 -8.86 5.15
C TYR C 222 18.05 -9.33 6.31
N TYR C 223 16.72 -9.04 6.27
CA TYR C 223 15.84 -9.48 7.34
C TYR C 223 14.97 -10.66 6.95
N ALA C 224 15.27 -11.29 5.82
CA ALA C 224 14.62 -12.55 5.39
C ALA C 224 15.78 -13.53 5.21
N VAL C 225 15.68 -14.71 5.83
CA VAL C 225 16.74 -15.71 5.77
C VAL C 225 16.12 -17.00 5.27
N ASN C 226 16.76 -17.64 4.27
CA ASN C 226 16.28 -18.89 3.70
C ASN C 226 17.41 -19.88 3.64
N PHE C 227 17.16 -21.08 4.16
CA PHE C 227 18.15 -22.17 4.12
C PHE C 227 17.51 -23.25 3.24
N PRO C 228 17.83 -23.23 1.93
CA PRO C 228 17.27 -24.22 1.01
C PRO C 228 17.97 -25.58 1.19
N MET C 229 17.19 -26.67 1.29
CA MET C 229 17.73 -28.03 1.53
C MET C 229 17.25 -28.99 0.49
N ARG C 230 18.01 -30.11 0.37
CA ARG C 230 17.71 -31.20 -0.55
C ARG C 230 17.07 -32.32 0.27
N ASP C 231 16.62 -33.40 -0.39
CA ASP C 231 16.00 -34.51 0.34
C ASP C 231 16.92 -35.17 1.37
N GLY C 232 16.31 -35.82 2.34
CA GLY C 232 16.99 -36.65 3.33
C GLY C 232 17.81 -36.05 4.42
N ILE C 233 17.67 -34.76 4.69
CA ILE C 233 18.44 -34.22 5.82
C ILE C 233 18.11 -34.99 7.10
N ASP C 234 19.13 -35.24 7.95
CA ASP C 234 18.97 -36.00 9.19
C ASP C 234 19.19 -35.14 10.42
N ASP C 235 19.02 -35.71 11.62
CA ASP C 235 19.18 -34.99 12.88
C ASP C 235 20.51 -34.30 13.03
N GLU C 236 21.60 -35.03 12.76
CA GLU C 236 22.96 -34.48 12.87
C GLU C 236 23.15 -33.27 11.94
N SER C 237 22.86 -33.43 10.63
CA SER C 237 23.05 -32.36 9.64
C SER C 237 22.18 -31.13 9.91
N TYR C 238 20.92 -31.36 10.27
CA TYR C 238 19.99 -30.26 10.54
C TYR C 238 20.42 -29.52 11.80
N GLY C 239 20.73 -30.28 12.86
CA GLY C 239 21.15 -29.69 14.13
C GLY C 239 22.39 -28.83 14.05
N GLN C 240 23.35 -29.23 13.21
CA GLN C 240 24.63 -28.53 13.00
C GLN C 240 24.45 -27.23 12.25
N ILE C 241 23.29 -27.01 11.62
CA ILE C 241 23.11 -25.72 10.97
C ILE C 241 22.07 -24.89 11.72
N PHE C 242 21.05 -25.53 12.33
CA PHE C 242 20.02 -24.78 13.03
C PHE C 242 20.58 -24.00 14.21
N LYS C 243 21.32 -24.66 15.13
CA LYS C 243 21.87 -23.94 16.28
C LYS C 243 22.83 -22.78 15.88
N PRO C 244 23.85 -22.97 15.02
CA PRO C 244 24.73 -21.83 14.69
C PRO C 244 24.01 -20.68 13.99
N ILE C 245 23.07 -21.00 13.07
CA ILE C 245 22.30 -19.97 12.34
C ILE C 245 21.41 -19.17 13.31
N ILE C 246 20.62 -19.86 14.15
CA ILE C 246 19.74 -19.19 15.11
C ILE C 246 20.55 -18.41 16.13
N SER C 247 21.69 -18.95 16.61
CA SER C 247 22.50 -18.21 17.58
C SER C 247 23.03 -16.90 16.94
N LYS C 248 23.46 -16.93 15.67
CA LYS C 248 23.95 -15.72 14.99
C LYS C 248 22.78 -14.74 14.77
N VAL C 249 21.59 -15.26 14.38
CA VAL C 249 20.41 -14.40 14.21
C VAL C 249 20.09 -13.72 15.57
N MET C 250 20.10 -14.46 16.68
CA MET C 250 19.80 -13.91 18.01
C MET C 250 20.77 -12.80 18.39
N GLU C 251 22.06 -13.06 18.16
CA GLU C 251 23.13 -12.11 18.46
C GLU C 251 22.99 -10.81 17.67
N MET C 252 22.78 -10.92 16.34
CA MET C 252 22.66 -9.81 15.41
C MET C 252 21.36 -9.06 15.49
N TYR C 253 20.23 -9.78 15.56
CA TYR C 253 18.93 -9.15 15.53
C TYR C 253 18.37 -8.76 16.88
N GLN C 254 18.72 -9.48 17.97
CA GLN C 254 18.27 -9.21 19.33
C GLN C 254 16.75 -9.01 19.39
N PRO C 255 15.99 -10.03 18.98
CA PRO C 255 14.51 -9.88 19.01
C PRO C 255 13.95 -9.88 20.43
N SER C 256 12.75 -9.31 20.62
CA SER C 256 12.18 -9.33 21.97
C SER C 256 11.05 -10.34 22.10
N ALA C 257 10.65 -11.00 20.98
CA ALA C 257 9.66 -12.07 21.01
C ALA C 257 9.95 -12.98 19.84
N VAL C 258 9.57 -14.27 19.96
CA VAL C 258 9.83 -15.26 18.93
C VAL C 258 8.57 -16.02 18.61
N VAL C 259 8.36 -16.29 17.31
CA VAL C 259 7.27 -17.13 16.86
C VAL C 259 7.95 -18.30 16.16
N LEU C 260 7.65 -19.51 16.62
CA LEU C 260 8.22 -20.71 16.05
C LEU C 260 7.12 -21.58 15.42
N GLN C 261 7.19 -21.77 14.10
CA GLN C 261 6.26 -22.60 13.35
C GLN C 261 6.92 -24.02 13.38
N CYS C 262 6.24 -25.00 13.99
CA CYS C 262 6.75 -26.36 14.22
C CYS C 262 6.17 -27.38 13.28
N GLY C 263 5.98 -27.03 12.02
CA GLY C 263 5.44 -27.96 11.03
C GLY C 263 6.17 -29.29 11.12
N ALA C 264 5.40 -30.38 11.31
CA ALA C 264 5.93 -31.72 11.53
C ALA C 264 6.12 -32.53 10.26
N ASP C 265 5.98 -31.93 9.08
CA ASP C 265 6.19 -32.60 7.83
C ASP C 265 7.69 -32.69 7.47
N SER C 266 8.56 -32.16 8.35
CA SER C 266 10.01 -32.29 8.18
C SER C 266 10.47 -33.60 8.87
N LEU C 267 9.54 -34.36 9.45
CA LEU C 267 9.89 -35.65 10.08
C LEU C 267 10.05 -36.76 9.08
N SER C 268 10.90 -37.75 9.43
CA SER C 268 11.06 -38.95 8.62
C SER C 268 9.66 -39.63 8.53
N GLY C 269 9.35 -40.17 7.37
CA GLY C 269 8.11 -40.89 7.11
C GLY C 269 6.89 -40.04 6.84
N ASP C 270 7.06 -38.71 6.65
CA ASP C 270 5.90 -37.87 6.36
C ASP C 270 5.34 -38.18 4.98
N ARG C 271 3.99 -38.22 4.85
CA ARG C 271 3.32 -38.51 3.59
C ARG C 271 3.72 -37.57 2.42
N LEU C 272 3.92 -36.26 2.72
CA LEU C 272 4.28 -35.29 1.70
C LEU C 272 5.75 -34.87 1.73
N GLY C 273 6.36 -35.02 2.89
CA GLY C 273 7.75 -34.61 3.13
C GLY C 273 8.79 -35.62 2.71
N CYS C 274 10.01 -35.14 2.51
CA CYS C 274 11.16 -35.93 2.06
C CYS C 274 12.40 -35.71 2.94
N PHE C 275 12.20 -35.31 4.21
CA PHE C 275 13.28 -35.12 5.18
C PHE C 275 13.38 -36.36 6.05
N ASN C 276 14.45 -36.46 6.87
CA ASN C 276 14.66 -37.65 7.71
C ASN C 276 14.90 -37.34 9.17
N LEU C 277 14.18 -36.34 9.72
CA LEU C 277 14.33 -35.98 11.11
C LEU C 277 13.56 -36.89 12.04
N THR C 278 14.05 -37.07 13.27
CA THR C 278 13.28 -37.82 14.25
C THR C 278 12.54 -36.77 15.09
N VAL C 279 11.63 -37.22 15.97
CA VAL C 279 10.93 -36.30 16.87
C VAL C 279 11.97 -35.56 17.75
N LYS C 280 13.02 -36.26 18.23
CA LYS C 280 14.04 -35.59 19.01
C LYS C 280 14.82 -34.57 18.19
N GLY C 281 15.09 -34.87 16.93
CA GLY C 281 15.79 -33.97 16.02
C GLY C 281 15.01 -32.71 15.75
N HIS C 282 13.70 -32.88 15.56
CA HIS C 282 12.79 -31.76 15.33
C HIS C 282 12.67 -30.95 16.63
N ALA C 283 12.43 -31.62 17.79
CA ALA C 283 12.24 -30.94 19.08
C ALA C 283 13.47 -30.20 19.58
N LYS C 284 14.67 -30.60 19.08
CA LYS C 284 15.92 -29.91 19.41
C LYS C 284 15.79 -28.42 19.03
N CYS C 285 15.02 -28.13 17.95
CA CYS C 285 14.79 -26.74 17.52
C CYS C 285 14.08 -25.94 18.59
N VAL C 286 13.07 -26.55 19.23
CA VAL C 286 12.35 -25.90 20.31
C VAL C 286 13.30 -25.67 21.49
N GLU C 287 14.12 -26.69 21.82
CA GLU C 287 15.08 -26.57 22.91
C GLU C 287 16.06 -25.43 22.68
N VAL C 288 16.62 -25.31 21.45
CA VAL C 288 17.59 -24.27 21.12
C VAL C 288 16.94 -22.89 21.29
N VAL C 289 15.71 -22.74 20.75
CA VAL C 289 15.01 -21.47 20.86
C VAL C 289 14.74 -21.09 22.33
N LYS C 290 14.34 -22.05 23.17
CA LYS C 290 14.06 -21.80 24.58
C LYS C 290 15.26 -21.25 25.38
N THR C 291 16.50 -21.61 24.98
CA THR C 291 17.73 -21.16 25.67
C THR C 291 17.90 -19.65 25.65
N PHE C 292 17.24 -18.95 24.72
CA PHE C 292 17.34 -17.50 24.62
C PHE C 292 16.41 -16.77 25.60
N ASN C 293 15.53 -17.51 26.30
CA ASN C 293 14.62 -16.99 27.32
C ASN C 293 13.79 -15.78 26.87
N LEU C 294 13.18 -15.90 25.68
CA LEU C 294 12.35 -14.82 25.14
C LEU C 294 10.89 -15.26 25.10
N PRO C 295 9.91 -14.31 25.17
CA PRO C 295 8.48 -14.68 24.99
C PRO C 295 8.40 -15.46 23.67
N LEU C 296 7.72 -16.63 23.72
CA LEU C 296 7.68 -17.56 22.60
C LEU C 296 6.29 -18.07 22.31
N LEU C 297 5.88 -17.91 21.04
CA LEU C 297 4.61 -18.42 20.55
C LEU C 297 4.95 -19.64 19.66
N MET C 298 4.52 -20.84 20.08
CA MET C 298 4.76 -22.09 19.35
C MET C 298 3.52 -22.46 18.57
N LEU C 299 3.65 -22.65 17.26
CA LEU C 299 2.53 -22.96 16.39
C LEU C 299 2.73 -24.25 15.65
N GLY C 300 1.63 -24.82 15.17
CA GLY C 300 1.64 -26.03 14.35
C GLY C 300 2.03 -25.72 12.93
N GLY C 301 1.46 -26.44 12.00
CA GLY C 301 1.73 -26.28 10.58
C GLY C 301 1.47 -27.58 9.85
N GLY C 302 2.38 -27.94 8.94
CA GLY C 302 2.25 -29.20 8.23
C GLY C 302 2.45 -30.42 9.11
N GLY C 303 2.30 -31.58 8.48
CA GLY C 303 2.43 -32.86 9.19
C GLY C 303 1.30 -33.71 8.69
N TYR C 304 1.64 -34.76 7.90
CA TYR C 304 0.68 -35.54 7.17
C TYR C 304 0.68 -37.03 7.49
N THR C 305 1.55 -37.52 8.41
CA THR C 305 1.51 -38.91 8.92
C THR C 305 1.06 -38.58 10.30
N ILE C 306 -0.28 -38.58 10.50
CA ILE C 306 -0.87 -38.02 11.71
C ILE C 306 -0.44 -38.68 13.02
N ARG C 307 -0.13 -39.99 13.04
CA ARG C 307 0.35 -40.59 14.28
C ARG C 307 1.72 -39.98 14.69
N ASN C 308 2.55 -39.57 13.71
CA ASN C 308 3.86 -38.95 13.99
C ASN C 308 3.70 -37.50 14.37
N VAL C 309 2.68 -36.84 13.85
CA VAL C 309 2.38 -35.45 14.23
C VAL C 309 2.02 -35.43 15.70
N ALA C 310 1.13 -36.36 16.10
CA ALA C 310 0.71 -36.45 17.50
C ALA C 310 1.92 -36.67 18.43
N ARG C 311 2.84 -37.55 18.04
CA ARG C 311 4.06 -37.79 18.83
C ARG C 311 4.93 -36.54 18.93
N CYS C 312 5.14 -35.89 17.77
CA CYS C 312 6.00 -34.70 17.67
C CYS C 312 5.51 -33.55 18.53
N TRP C 313 4.25 -33.18 18.36
CA TRP C 313 3.73 -32.05 19.09
C TRP C 313 3.52 -32.37 20.59
N THR C 314 3.27 -33.66 20.94
CA THR C 314 3.18 -34.01 22.35
C THR C 314 4.57 -33.82 22.97
N TYR C 315 5.63 -34.32 22.29
CA TYR C 315 7.00 -34.17 22.82
C TYR C 315 7.42 -32.71 22.90
N GLU C 316 7.02 -31.90 21.90
CA GLU C 316 7.38 -30.48 21.92
C GLU C 316 6.64 -29.70 23.01
N THR C 317 5.43 -30.17 23.41
CA THR C 317 4.70 -29.55 24.51
C THR C 317 5.47 -29.92 25.80
N ALA C 318 5.99 -31.16 25.89
CA ALA C 318 6.75 -31.60 27.06
C ALA C 318 8.03 -30.79 27.15
N VAL C 319 8.67 -30.48 25.98
CA VAL C 319 9.89 -29.65 25.92
C VAL C 319 9.53 -28.25 26.45
N ALA C 320 8.40 -27.68 25.98
CA ALA C 320 7.95 -26.35 26.46
C ALA C 320 7.81 -26.34 27.99
N LEU C 321 7.26 -27.42 28.56
CA LEU C 321 7.06 -27.54 30.01
C LEU C 321 8.32 -28.01 30.77
N ASP C 322 9.42 -28.36 30.04
CA ASP C 322 10.66 -28.87 30.62
C ASP C 322 10.31 -30.09 31.51
N CYS C 323 9.44 -30.96 30.95
CA CYS C 323 8.98 -32.18 31.61
CA CYS C 323 8.95 -32.17 31.60
C CYS C 323 9.40 -33.41 30.82
N GLU C 324 10.15 -34.29 31.47
CA GLU C 324 10.58 -35.52 30.82
C GLU C 324 9.36 -36.43 30.78
N ILE C 325 9.13 -37.09 29.65
CA ILE C 325 8.00 -38.00 29.50
C ILE C 325 8.54 -39.35 29.01
N PRO C 326 7.98 -40.50 29.48
CA PRO C 326 8.51 -41.79 29.03
C PRO C 326 8.26 -42.11 27.57
N ASN C 327 9.13 -42.95 27.01
CA ASN C 327 9.02 -43.42 25.63
C ASN C 327 7.76 -44.28 25.45
N GLU C 328 7.32 -44.96 26.52
CA GLU C 328 6.12 -45.81 26.49
C GLU C 328 4.91 -44.90 26.44
N LEU C 329 4.11 -44.99 25.38
CA LEU C 329 2.92 -44.16 25.29
C LEU C 329 1.91 -44.55 26.36
N PRO C 330 1.25 -43.56 26.99
CA PRO C 330 0.22 -43.90 27.99
C PRO C 330 -1.01 -44.38 27.23
N TYR C 331 -1.94 -44.99 27.95
CA TYR C 331 -3.17 -45.41 27.30
C TYR C 331 -3.89 -44.12 26.85
N ASN C 332 -4.59 -44.16 25.71
CA ASN C 332 -5.28 -42.96 25.18
C ASN C 332 -6.37 -43.39 24.24
N ASP C 333 -7.22 -42.43 23.79
CA ASP C 333 -8.35 -42.68 22.90
C ASP C 333 -7.95 -43.23 21.55
N TYR C 334 -6.66 -43.09 21.16
CA TYR C 334 -6.20 -43.53 19.84
C TYR C 334 -5.05 -44.50 19.95
N PHE C 335 -4.95 -45.17 21.11
CA PHE C 335 -3.87 -46.12 21.40
C PHE C 335 -3.52 -47.06 20.26
N GLU C 336 -4.54 -47.71 19.68
CA GLU C 336 -4.37 -48.65 18.57
C GLU C 336 -3.62 -48.07 17.35
N TYR C 337 -3.77 -46.75 17.09
CA TYR C 337 -3.14 -46.05 15.96
C TYR C 337 -1.58 -46.05 16.07
N PHE C 338 -1.05 -46.31 17.27
CA PHE C 338 0.39 -46.29 17.49
C PHE C 338 1.07 -47.66 17.54
N GLY C 339 0.34 -48.70 17.15
CA GLY C 339 0.84 -50.07 17.12
C GLY C 339 1.87 -50.38 16.05
N PRO C 340 2.61 -51.50 16.19
CA PRO C 340 2.54 -52.50 17.26
C PRO C 340 3.46 -52.26 18.46
N ASP C 341 4.32 -51.21 18.42
CA ASP C 341 5.27 -50.93 19.49
C ASP C 341 4.78 -49.93 20.53
N PHE C 342 3.86 -49.01 20.16
CA PHE C 342 3.27 -48.03 21.09
C PHE C 342 4.30 -47.17 21.82
N LYS C 343 5.30 -46.66 21.07
CA LYS C 343 6.37 -45.81 21.59
C LYS C 343 6.22 -44.37 21.09
N LEU C 344 6.79 -43.41 21.83
CA LEU C 344 6.74 -41.99 21.46
C LEU C 344 7.76 -41.65 20.36
N HIS C 345 8.97 -42.19 20.51
CA HIS C 345 10.02 -41.88 19.55
C HIS C 345 10.08 -42.84 18.38
N ILE C 346 10.39 -42.29 17.21
CA ILE C 346 10.48 -42.98 15.94
C ILE C 346 11.94 -43.09 15.51
N SER C 347 12.25 -44.10 14.69
CA SER C 347 13.62 -44.28 14.19
C SER C 347 13.66 -43.61 12.81
N PRO C 348 14.79 -42.98 12.40
CA PRO C 348 14.84 -42.41 11.05
C PRO C 348 14.85 -43.55 10.02
N SER C 349 14.61 -43.23 8.76
CA SER C 349 14.62 -44.21 7.69
C SER C 349 16.06 -44.33 7.19
N ASN C 350 16.31 -45.23 6.21
CA ASN C 350 17.62 -45.44 5.63
C ASN C 350 17.82 -44.56 4.38
N MET C 351 16.93 -43.55 4.18
CA MET C 351 17.04 -42.69 3.00
C MET C 351 18.35 -41.93 2.94
N THR C 352 18.83 -41.71 1.73
CA THR C 352 20.07 -41.02 1.46
C THR C 352 19.92 -39.53 1.75
N ASN C 353 20.91 -38.96 2.46
CA ASN C 353 20.93 -37.54 2.73
C ASN C 353 21.57 -36.90 1.50
N GLN C 354 20.76 -36.15 0.69
CA GLN C 354 21.24 -35.52 -0.53
C GLN C 354 21.95 -34.19 -0.27
N ASN C 355 22.03 -33.76 1.00
CA ASN C 355 22.73 -32.52 1.34
C ASN C 355 24.17 -32.90 1.66
N THR C 356 25.06 -32.59 0.76
CA THR C 356 26.47 -32.93 1.03
C THR C 356 27.08 -31.98 2.06
N PRO C 357 28.14 -32.38 2.81
CA PRO C 357 28.80 -31.45 3.72
C PRO C 357 29.24 -30.15 3.00
N GLU C 358 29.74 -30.26 1.76
CA GLU C 358 30.16 -29.10 0.99
C GLU C 358 28.97 -28.15 0.75
N TYR C 359 27.83 -28.72 0.36
CA TYR C 359 26.64 -27.90 0.09
C TYR C 359 26.20 -27.17 1.35
N MET C 360 26.09 -27.90 2.45
CA MET C 360 25.65 -27.33 3.72
CA MET C 360 25.64 -27.32 3.72
C MET C 360 26.57 -26.22 4.19
N GLU C 361 27.90 -26.42 4.07
CA GLU C 361 28.85 -25.39 4.49
C GLU C 361 28.74 -24.13 3.63
N LYS C 362 28.51 -24.28 2.31
CA LYS C 362 28.39 -23.17 1.36
C LYS C 362 27.15 -22.31 1.74
N ILE C 363 26.02 -22.96 2.05
CA ILE C 363 24.81 -22.21 2.44
C ILE C 363 25.02 -21.52 3.79
N LYS C 364 25.53 -22.24 4.80
CA LYS C 364 25.78 -21.69 6.13
C LYS C 364 26.72 -20.46 6.01
N GLN C 365 27.79 -20.56 5.18
CA GLN C 365 28.71 -19.43 5.02
C GLN C 365 28.02 -18.20 4.43
N ARG C 366 27.19 -18.42 3.42
CA ARG C 366 26.43 -17.32 2.80
C ARG C 366 25.51 -16.66 3.81
N LEU C 367 24.79 -17.45 4.60
CA LEU C 367 23.88 -16.90 5.61
C LEU C 367 24.63 -16.07 6.66
N PHE C 368 25.83 -16.54 7.07
CA PHE C 368 26.62 -15.81 8.05
C PHE C 368 27.07 -14.50 7.45
N GLU C 369 27.44 -14.50 6.16
CA GLU C 369 27.85 -13.27 5.45
C GLU C 369 26.68 -12.28 5.42
N ASN C 370 25.45 -12.78 5.15
CA ASN C 370 24.25 -11.93 5.12
C ASN C 370 23.92 -11.38 6.49
N LEU C 371 24.09 -12.19 7.55
CA LEU C 371 23.81 -11.78 8.92
C LEU C 371 24.78 -10.73 9.42
N ARG C 372 26.01 -10.72 8.87
N ARG C 372 26.01 -10.73 8.86
CA ARG C 372 27.03 -9.75 9.24
CA ARG C 372 27.06 -9.75 9.20
C ARG C 372 26.70 -8.36 8.66
C ARG C 372 26.69 -8.37 8.66
N MET C 373 25.78 -8.31 7.67
CA MET C 373 25.33 -7.06 7.03
C MET C 373 24.28 -6.29 7.87
N LEU C 374 23.80 -6.90 8.98
CA LEU C 374 22.84 -6.27 9.90
C LEU C 374 23.55 -5.17 10.72
N PRO C 375 22.84 -4.09 11.19
CA PRO C 375 23.54 -3.06 11.98
C PRO C 375 24.01 -3.52 13.35
ZN ZN D . 7.36 9.62 -22.86
S SO4 E . -10.41 22.20 -43.46
O1 SO4 E . -11.39 21.10 -43.44
O2 SO4 E . -9.57 22.19 -42.27
O3 SO4 E . -11.11 23.49 -43.52
O4 SO4 E . -9.55 22.04 -44.66
S SO4 F . -10.26 0.17 -5.85
O1 SO4 F . -10.98 -0.42 -4.71
O2 SO4 F . -8.84 0.35 -5.55
O3 SO4 F . -10.26 -0.80 -6.97
O4 SO4 F . -11.05 1.40 -6.23
S SO4 G . -12.16 4.84 -41.64
O1 SO4 G . -13.14 5.66 -40.92
O2 SO4 G . -11.22 4.26 -40.67
O3 SO4 G . -12.84 3.77 -42.36
O4 SO4 G . -11.43 5.68 -42.60
S SO4 H . 20.33 19.07 -19.52
O1 SO4 H . 19.01 18.49 -19.77
O2 SO4 H . 21.04 18.27 -18.52
O3 SO4 H . 21.10 19.10 -20.77
O4 SO4 H . 20.19 20.44 -19.01
CA CA I . 4.81 3.38 -20.21
CA CA J . -5.79 -5.82 -24.75
C1 PEG K . 15.55 15.05 -45.19
O1 PEG K . 16.92 14.82 -45.41
C2 PEG K . 15.30 16.44 -44.70
O2 PEG K . 13.95 16.58 -44.27
C3 PEG K . 13.81 17.48 -43.18
C4 PEG K . 12.89 18.61 -43.56
O4 PEG K . 13.44 19.38 -44.61
C1 PEG L . 27.14 19.77 -22.91
O1 PEG L . 28.06 19.85 -23.99
C2 PEG L . 27.20 18.45 -22.21
O2 PEG L . 26.14 18.36 -21.27
C3 PEG L . 26.57 18.02 -19.95
C4 PEG L . 25.98 18.97 -18.95
O4 PEG L . 26.36 18.63 -17.63
C1 PEG M . 21.15 19.02 -35.03
O1 PEG M . 22.46 19.54 -34.86
C2 PEG M . 20.27 19.96 -35.78
O2 PEG M . 18.98 19.39 -35.94
C3 PEG M . 18.50 19.48 -37.27
C4 PEG M . 17.27 20.36 -37.35
O4 PEG M . 17.58 21.70 -37.00
C1 TV7 N . 6.38 9.46 -26.55
N2 TV7 N . 4.84 17.55 -21.84
C3 TV7 N . 5.71 11.68 -25.60
C4 TV7 N . 5.43 12.60 -24.41
C5 TV7 N . 4.39 13.66 -24.74
C6 TV7 N . 4.13 14.71 -23.66
C9 TV7 N . 3.94 17.61 -22.81
C10 TV7 N . 5.40 19.18 -23.31
C11 TV7 N . 6.02 20.33 -24.01
C12 TV7 N . 5.56 20.64 -25.27
C13 TV7 N . 6.12 21.71 -25.99
C18 TV7 N . 7.13 22.47 -25.35
C19 TV7 N . 7.07 21.14 -23.49
C20 TV7 N . 8.67 21.54 -21.80
C21 TV7 N . 5.75 18.54 -22.14
C24 TV7 N . -1.29 19.53 -21.76
C25 TV7 N . -0.31 20.37 -22.52
C26 TV7 N . 0.82 21.08 -21.79
C28 TV7 N . 2.55 22.80 -24.77
C29 TV7 N . 3.64 23.59 -24.08
N1 TV7 N . 7.58 22.17 -24.10
C2 TV7 N . 6.30 10.31 -25.28
C7 TV7 N . 2.98 15.65 -24.00
C8 TV7 N . 2.76 16.70 -22.91
C14 TV7 N . 5.75 22.05 -27.32
N3 TV7 N . 1.58 17.48 -23.23
O1 TV7 N . 7.54 10.51 -24.65
C15 TV7 N . 6.34 23.10 -27.97
O2 TV7 N . 7.56 20.77 -22.31
O3 TV7 N . 1.12 17.96 -21.06
C22 TV7 N . 0.85 18.05 -22.26
C23 TV7 N . -0.34 18.86 -22.75
C31 TV7 N . -0.80 21.27 -23.67
C30 TV7 N . 0.32 21.68 -24.60
N4 TV7 N . 1.45 22.34 -23.85
C27 TV7 N . 1.95 21.47 -22.73
O TV7 N . 5.44 9.57 -24.42
C TV7 N . 7.25 10.05 -27.67
N TV7 N . 4.25 18.58 -23.71
C17 TV7 N . 7.72 23.55 -26.06
C16 TV7 N . 7.33 23.85 -27.34
ZN ZN O . -5.57 20.14 18.57
S SO4 P . 1.57 48.77 12.34
O1 SO4 P . 0.39 49.21 13.10
O2 SO4 P . 1.86 47.36 12.71
O3 SO4 P . 1.26 48.88 10.89
O4 SO4 P . 2.73 49.61 12.61
S SO4 Q . 5.12 9.43 11.87
O1 SO4 Q . 4.82 10.59 12.72
O2 SO4 Q . 4.37 8.26 12.32
O3 SO4 Q . 4.75 9.76 10.49
O4 SO4 Q . 6.56 9.14 11.94
CA CA R . -11.23 19.41 23.04
CA CA S . -21.65 28.92 27.52
C1 PEG T . 7.21 2.75 25.64
O1 PEG T . 7.58 1.52 25.06
C2 PEG T . 5.80 2.71 26.16
O2 PEG T . 5.67 1.69 27.15
C3 PEG T . 4.46 1.81 27.88
C4 PEG T . 4.34 0.66 28.84
O4 PEG T . 5.28 0.75 29.88
C1 PEG U . -3.28 28.46 -3.29
O1 PEG U . -4.36 28.89 -4.10
C2 PEG U . -2.46 29.61 -2.81
O2 PEG U . -1.21 29.17 -2.32
C3 PEG U . -0.19 30.15 -2.46
C4 PEG U . 0.97 29.60 -3.23
O4 PEG U . 2.01 30.56 -3.36
C1 TV7 V . -6.57 23.08 16.36
N2 TV7 V . 2.24 22.74 19.88
C3 TV7 V . -4.23 23.49 17.25
C4 TV7 V . -3.08 23.11 18.20
C5 TV7 V . -2.15 24.28 18.47
C6 TV7 V . -0.92 23.95 19.30
C9 TV7 V . 2.06 24.03 19.71
C10 TV7 V . 3.56 23.48 18.19
C11 TV7 V . 4.56 23.63 17.14
C12 TV7 V . 4.57 24.79 16.40
C13 TV7 V . 5.50 24.96 15.36
C18 TV7 V . 6.41 23.91 15.11
C19 TV7 V . 5.51 22.64 16.78
C20 TV7 V . 6.35 20.44 17.14
C21 TV7 V . 3.17 22.39 18.94
C24 TV7 V . 3.94 27.76 23.59
C25 TV7 V . 4.63 27.63 22.27
C26 TV7 V . 5.52 26.41 21.99
C28 TV7 V . 6.66 27.19 18.41
C29 TV7 V . 7.66 26.09 18.10
N1 TV7 V . 6.39 22.75 15.84
C2 TV7 V . -5.47 22.58 17.29
C7 TV7 V . -0.13 25.21 19.66
C8 TV7 V . 1.10 24.88 20.48
C14 TV7 V . 5.58 26.14 14.56
N3 TV7 V . 1.76 26.12 20.91
O1 TV7 V . -5.09 21.28 16.94
C15 TV7 V . 6.52 26.24 13.57
O2 TV7 V . 5.40 21.46 17.44
O3 TV7 V . 2.63 25.18 22.77
C22 TV7 V . 2.48 26.16 22.03
C23 TV7 V . 3.11 27.51 22.33
C31 TV7 V . 5.22 28.85 21.56
C30 TV7 V . 5.48 28.61 20.07
N4 TV7 V . 6.35 27.40 19.87
C27 TV7 V . 5.74 26.18 20.50
O TV7 V . -6.03 22.52 18.58
C TV7 V . -6.18 23.21 14.88
N TV7 V . 2.84 24.51 18.70
C17 TV7 V . 7.36 24.06 14.07
C16 TV7 V . 7.41 25.20 13.32
ZN ZN W . 4.52 -28.12 5.10
S SO4 X . 25.23 -27.17 -6.27
O1 SO4 X . 25.03 -26.24 -5.15
O2 SO4 X . 25.58 -28.50 -5.73
O3 SO4 X . 24.02 -27.24 -7.06
O4 SO4 X . 26.32 -26.68 -7.11
S SO4 Y . -1.21 -41.85 9.18
O1 SO4 Y . -0.75 -41.87 10.61
O2 SO4 Y . -2.46 -42.63 9.07
O3 SO4 Y . -0.19 -42.46 8.31
O4 SO4 Y . -1.50 -40.48 8.70
S SO4 Z . -7.19 -3.35 17.74
O1 SO4 Z . -8.15 -4.40 17.39
O2 SO4 Z . -6.79 -3.51 19.13
O3 SO4 Z . -7.84 -2.04 17.56
O4 SO4 Z . -6.01 -3.44 16.87
S SO4 AA . -16.58 -17.00 20.46
O1 SO4 AA . -17.27 -17.55 21.62
O2 SO4 AA . -15.58 -17.96 20.00
O3 SO4 AA . -17.55 -16.74 19.39
O4 SO4 AA . -15.92 -15.74 20.83
CA CA BA . 11.52 -9.06 7.19
CA CA CA . 10.10 -23.77 6.53
C1 PEG DA . 6.06 -0.35 18.80
O1 PEG DA . 7.17 0.02 18.00
C2 PEG DA . 6.43 -1.37 19.83
O2 PEG DA . 7.42 -0.84 20.68
C3 PEG DA . 7.38 -1.34 22.01
C4 PEG DA . 8.51 -0.74 22.79
O4 PEG DA . 8.36 -0.94 24.17
C1 PEG EA . 6.86 -24.67 -7.70
O1 PEG EA . 7.88 -25.55 -8.13
C2 PEG EA . 5.72 -25.40 -7.04
O2 PEG EA . 4.81 -24.49 -6.46
C3 PEG EA . 3.68 -24.18 -7.29
C4 PEG EA . 2.82 -23.16 -6.65
O4 PEG EA . 3.53 -21.98 -6.31
C1 TV7 FA . 1.51 -25.93 5.83
N2 TV7 FA . 1.53 -31.06 -2.14
C3 TV7 FA . 1.18 -26.98 3.55
C4 TV7 FA . 1.75 -27.75 2.37
C5 TV7 FA . 0.96 -27.54 1.09
C6 TV7 FA . 1.47 -28.27 -0.13
C9 TV7 FA . 0.73 -30.07 -2.47
C10 TV7 FA . -0.60 -31.82 -2.33
C11 TV7 FA . -1.82 -32.64 -2.41
C12 TV7 FA . -3.04 -32.00 -2.49
C13 TV7 FA . -4.24 -32.74 -2.56
C18 TV7 FA . -4.14 -34.16 -2.54
C19 TV7 FA . -1.85 -34.05 -2.39
C20 TV7 FA . -0.60 -36.09 -2.30
C21 TV7 FA . 0.70 -32.15 -2.06
C24 TV7 FA . 0.94 -27.45 -7.59
C25 TV7 FA . -0.19 -28.34 -7.22
C26 TV7 FA . 0.01 -29.86 -7.23
C28 TV7 FA . -3.47 -30.93 -5.99
C29 TV7 FA . -3.50 -32.44 -6.17
N1 TV7 FA . -2.93 -34.79 -2.45
C2 TV7 FA . 2.13 -26.80 4.74
C7 TV7 FA . 0.73 -27.85 -1.41
C8 TV7 FA . 1.16 -28.63 -2.63
C14 TV7 FA . -5.53 -32.15 -2.64
N3 TV7 FA . 0.56 -28.06 -3.83
O1 TV7 FA . 2.50 -28.07 5.22
C15 TV7 FA . -6.65 -32.94 -2.72
O2 TV7 FA . -0.65 -34.65 -2.27
O3 TV7 FA . 2.24 -28.67 -5.23
C22 TV7 FA . 1.16 -28.12 -5.04
C23 TV7 FA . 0.41 -27.45 -6.16
C31 TV7 FA . -1.61 -28.04 -7.70
C30 TV7 FA . -2.67 -28.74 -6.86
N4 TV7 FA . -2.43 -30.22 -6.81
C27 TV7 FA . -1.03 -30.55 -6.35
O TV7 FA . 3.35 -26.16 4.37
C TV7 FA . 0.15 -26.42 6.32
N TV7 FA . -0.55 -30.48 -2.60
C17 TV7 FA . -5.32 -34.93 -2.62
C16 TV7 FA . -6.55 -34.32 -2.70
#